data_9S87
#
_entry.id   9S87
#
_cell.length_a   176.404
_cell.length_b   66.897
_cell.length_c   120.434
_cell.angle_alpha   90.000
_cell.angle_beta   122.463
_cell.angle_gamma   90.000
#
_symmetry.space_group_name_H-M   'C 1 2 1'
#
loop_
_entity.id
_entity.type
_entity.pdbx_description
1 polymer 'Protein BRASSINOSTEROID INSENSITIVE 1'
2 branched 2-acetamido-2-deoxy-beta-D-glucopyranose-(1-4)-2-acetamido-2-deoxy-beta-D-glucopyranose
3 branched alpha-D-mannopyranose-(1-3)-beta-D-mannopyranose-(1-4)-2-acetamido-2-deoxy-beta-D-glucopyranose-(1-4)-2-acetamido-2-deoxy-beta-D-glucopyranose
4 branched alpha-D-mannopyranose-(1-3)-[alpha-D-mannopyranose-(1-6)]beta-D-mannopyranose-(1-4)-2-acetamido-2-deoxy-beta-D-glucopyranose-(1-4)-2-acetamido-2-deoxy-beta-D-glucopyranose
5 branched 2-acetamido-2-deoxy-beta-D-glucopyranose-(1-4)-[alpha-L-fucopyranose-(1-6)]2-acetamido-2-deoxy-beta-D-glucopyranose
6 branched beta-D-mannopyranose-(1-4)-2-acetamido-2-deoxy-beta-D-glucopyranose-(1-4)-2-acetamido-2-deoxy-beta-D-glucopyranose
7 branched alpha-L-fucopyranose-(1-6)-2-acetamido-2-deoxy-beta-D-glucopyranose
8 non-polymer 'SULFATE ION'
9 non-polymer 1,2-ETHANEDIOL
10 non-polymer 2-acetamido-2-deoxy-beta-D-glucopyranose
11 non-polymer 'CITRIC ACID'
12 non-polymer Castasterone
13 water water
#
_entity_poly.entity_id   1
_entity_poly.type   'polypeptide(L)'
_entity_poly.pdbx_seq_one_letter_code
;MKTFSSFFLSVTTLFFFSFFSLSFQASPSQSLYREIHQLISFKDVLPDKNLLPDWSSNKNPCTFDGVTCRDDKVTSIDLS
SKPLNVGFSAVSSSLLSLTGLESLFLSNSHINGSVSGFKCSASLTSLDLSRNSLSGPVTTLTSLGSCSGLKFLNVSSNTL
DFPGKVSGGLKLNSLEVLDLSANSISGANVVGWVLSDGCGELKHLAISGNKISGDVDVSRCVNLEFLDVSSNNFSTGIPF
LGDCSALQHLDISGNKLSGDFSRAISTCTELKLLNISSNQFVGPIPPLPLKSLQYLSLAENKFTGEIPDFLSGACDTLTG
LDLSGNHFYGAVPPFFGSCSLLESLALSSNNFSGELPMDTLLKMRGLKVLDLSFNEFSGELPESLTNLSASLLTLDLSSN
NFSGPILPNLCQNPKNTLQELYLQNNGFTGKIPPTLSNCSELVSLHLSFNYLSGTIPSSLGSLSKLRDLKLWLNMLEGEI
PQELMYVKTLETLILDFNDLTGEIPSGLSNCTNLNWISLSNNRLTGEIPKWIGRLENLAILKLSNNSFSGNIPAELGDCR
SLIWLDLNTNLFNGTIPAAMFKQSGKIAANFIAGKRYVYIKNDGMKKECHGAGNLLEFQGIRSEQLNRLSTRNPCNITSR
VYGGHTSPTFDNNGSMMFLDMSYNMLSGYIPKEIGSMPYLFILNLGHNDISGSIPDEVGDLRGLNILDLSSNKLDGRIPQ
AMSALTMLTEIDLSNNNLSGPIPEMGQFETFPPAKFLNNPGLCGYPLPRCDPSNADGYAHHQRSHGRRAAAENLYFQ
;
_entity_poly.pdbx_strand_id   A
#
# COMPACT_ATOMS: atom_id res chain seq x y z
N GLN A 30 -51.17 1.60 0.60
CA GLN A 30 -50.91 2.84 1.32
C GLN A 30 -51.46 2.80 2.75
N SER A 31 -52.22 1.74 3.06
CA SER A 31 -52.76 1.59 4.41
C SER A 31 -51.65 1.21 5.38
N LEU A 32 -51.82 1.61 6.65
CA LEU A 32 -50.89 1.19 7.68
C LEU A 32 -50.86 -0.33 7.81
N TYR A 33 -52.00 -0.98 7.55
CA TYR A 33 -52.05 -2.43 7.55
C TYR A 33 -51.08 -3.01 6.53
N ARG A 34 -51.17 -2.56 5.28
CA ARG A 34 -50.28 -3.06 4.24
C ARG A 34 -48.82 -2.78 4.58
N GLU A 35 -48.52 -1.56 5.01
CA GLU A 35 -47.14 -1.17 5.27
C GLU A 35 -46.51 -2.06 6.34
N ILE A 36 -47.19 -2.23 7.47
CA ILE A 36 -46.61 -3.01 8.56
C ILE A 36 -46.45 -4.46 8.16
N HIS A 37 -47.44 -5.01 7.45
CA HIS A 37 -47.37 -6.42 7.08
C HIS A 37 -46.31 -6.66 6.01
N GLN A 38 -46.14 -5.73 5.08
CA GLN A 38 -45.08 -5.88 4.09
C GLN A 38 -43.71 -5.80 4.74
N LEU A 39 -43.53 -4.86 5.67
CA LEU A 39 -42.23 -4.67 6.30
C LEU A 39 -41.91 -5.80 7.28
N ILE A 40 -42.90 -6.29 8.01
CA ILE A 40 -42.64 -7.36 8.96
C ILE A 40 -42.46 -8.70 8.24
N SER A 41 -43.12 -8.88 7.09
CA SER A 41 -42.87 -10.08 6.31
C SER A 41 -41.43 -10.15 5.84
N PHE A 42 -40.81 -9.00 5.56
CA PHE A 42 -39.38 -8.98 5.23
C PHE A 42 -38.54 -9.37 6.44
N LYS A 43 -38.85 -8.81 7.61
CA LYS A 43 -38.12 -9.18 8.82
C LYS A 43 -38.26 -10.66 9.12
N ASP A 44 -39.40 -11.25 8.81
CA ASP A 44 -39.66 -12.64 9.18
C ASP A 44 -39.02 -13.64 8.23
N VAL A 45 -38.43 -13.19 7.12
CA VAL A 45 -37.59 -14.05 6.29
C VAL A 45 -36.11 -13.85 6.57
N LEU A 46 -35.75 -12.89 7.42
CA LEU A 46 -34.36 -12.68 7.76
C LEU A 46 -33.85 -13.83 8.61
N PRO A 47 -32.70 -14.43 8.28
CA PRO A 47 -32.13 -15.45 9.18
C PRO A 47 -31.98 -14.95 10.61
N ASP A 48 -31.39 -13.77 10.79
CA ASP A 48 -31.25 -13.13 12.09
C ASP A 48 -32.25 -11.98 12.16
N LYS A 49 -33.32 -12.17 12.92
CA LYS A 49 -34.34 -11.14 13.05
C LYS A 49 -33.94 -10.04 14.01
N ASN A 50 -32.94 -10.28 14.87
CA ASN A 50 -32.47 -9.24 15.77
C ASN A 50 -31.76 -8.10 15.04
N LEU A 51 -31.54 -8.24 13.72
CA LEU A 51 -30.99 -7.12 12.95
C LEU A 51 -31.99 -5.99 12.83
N LEU A 52 -33.29 -6.28 12.92
CA LEU A 52 -34.36 -5.30 12.87
C LEU A 52 -35.15 -5.38 14.18
N PRO A 53 -34.52 -5.05 15.31
CA PRO A 53 -35.14 -5.34 16.60
C PRO A 53 -36.37 -4.51 16.91
N ASP A 54 -36.39 -3.25 16.50
CA ASP A 54 -37.51 -2.36 16.79
C ASP A 54 -38.60 -2.41 15.73
N TRP A 55 -38.41 -3.19 14.66
CA TRP A 55 -39.49 -3.48 13.72
C TRP A 55 -40.44 -4.47 14.40
N SER A 56 -41.65 -4.02 14.73
CA SER A 56 -42.63 -4.87 15.39
C SER A 56 -44.01 -4.60 14.81
N SER A 57 -44.88 -5.63 14.89
CA SER A 57 -46.11 -5.64 14.11
C SER A 57 -47.20 -4.72 14.66
N ASN A 58 -47.20 -4.46 15.97
CA ASN A 58 -48.22 -3.56 16.51
C ASN A 58 -47.57 -2.24 16.89
N LYS A 59 -46.86 -1.65 15.93
CA LYS A 59 -46.10 -0.44 16.13
C LYS A 59 -45.95 0.25 14.78
N ASN A 60 -46.09 1.58 14.77
CA ASN A 60 -46.12 2.31 13.51
C ASN A 60 -44.76 2.23 12.83
N PRO A 61 -44.69 1.86 11.54
CA PRO A 61 -43.38 1.80 10.86
C PRO A 61 -42.62 3.11 10.86
N CYS A 62 -43.29 4.25 11.00
CA CYS A 62 -42.58 5.52 11.01
C CYS A 62 -41.71 5.70 12.25
N THR A 63 -41.77 4.78 13.20
CA THR A 63 -40.89 4.80 14.37
C THR A 63 -39.75 3.81 14.26
N PHE A 64 -39.62 3.12 13.11
CA PHE A 64 -38.61 2.08 12.95
C PHE A 64 -37.25 2.67 12.59
N ASP A 65 -36.20 2.06 13.12
CA ASP A 65 -34.86 2.38 12.67
C ASP A 65 -34.72 1.96 11.21
N GLY A 66 -34.11 2.84 10.41
CA GLY A 66 -33.91 2.59 9.00
C GLY A 66 -35.06 3.04 8.11
N VAL A 67 -36.15 3.53 8.67
CA VAL A 67 -37.31 3.99 7.91
C VAL A 67 -37.34 5.50 7.90
N THR A 68 -37.77 6.07 6.76
CA THR A 68 -38.01 7.50 6.62
C THR A 68 -39.47 7.69 6.22
N CYS A 69 -40.16 8.58 6.93
CA CYS A 69 -41.57 8.83 6.71
C CYS A 69 -41.81 10.32 6.45
N ARG A 70 -42.90 10.59 5.72
CA ARG A 70 -43.41 11.93 5.53
C ARG A 70 -44.93 11.87 5.66
N ASP A 71 -45.48 12.63 6.60
CA ASP A 71 -46.92 12.66 6.83
C ASP A 71 -47.45 11.26 7.15
N ASP A 72 -46.72 10.53 7.98
CA ASP A 72 -47.14 9.23 8.50
C ASP A 72 -47.16 8.14 7.43
N LYS A 73 -46.37 8.29 6.36
CA LYS A 73 -46.31 7.33 5.27
C LYS A 73 -44.84 7.05 4.94
N VAL A 74 -44.51 5.76 4.78
CA VAL A 74 -43.13 5.36 4.52
C VAL A 74 -42.72 5.84 3.14
N THR A 75 -41.57 6.55 3.06
CA THR A 75 -41.05 7.08 1.82
C THR A 75 -39.67 6.54 1.45
N SER A 76 -38.90 6.03 2.41
CA SER A 76 -37.59 5.51 2.09
C SER A 76 -37.18 4.52 3.18
N ILE A 77 -36.34 3.55 2.79
CA ILE A 77 -35.81 2.54 3.70
C ILE A 77 -34.32 2.43 3.46
N ASP A 78 -33.54 2.48 4.54
CA ASP A 78 -32.09 2.36 4.48
C ASP A 78 -31.67 1.29 5.49
N LEU A 79 -31.36 0.10 4.99
CA LEU A 79 -30.82 -1.00 5.79
C LEU A 79 -29.39 -1.33 5.37
N SER A 80 -28.65 -0.32 4.94
CA SER A 80 -27.30 -0.54 4.44
C SER A 80 -26.34 -0.90 5.58
N SER A 81 -25.34 -1.71 5.24
CA SER A 81 -24.31 -2.15 6.19
C SER A 81 -24.89 -3.03 7.29
N LYS A 82 -25.97 -3.73 6.98
CA LYS A 82 -26.57 -4.71 7.87
C LYS A 82 -26.50 -6.09 7.24
N PRO A 83 -26.02 -7.12 7.94
CA PRO A 83 -25.88 -8.46 7.30
C PRO A 83 -27.21 -9.19 7.17
N LEU A 84 -28.08 -8.68 6.28
CA LEU A 84 -29.42 -9.23 6.16
C LEU A 84 -29.38 -10.69 5.71
N ASN A 85 -28.50 -11.03 4.77
CA ASN A 85 -28.33 -12.41 4.29
C ASN A 85 -29.65 -12.99 3.78
N VAL A 86 -30.23 -12.32 2.79
CA VAL A 86 -31.44 -12.80 2.12
C VAL A 86 -31.31 -12.53 0.62
N GLY A 87 -32.23 -13.11 -0.15
CA GLY A 87 -32.20 -12.97 -1.59
C GLY A 87 -33.01 -11.78 -2.09
N PHE A 88 -32.71 -11.36 -3.31
CA PHE A 88 -33.42 -10.24 -3.92
C PHE A 88 -34.92 -10.51 -3.99
N SER A 89 -35.31 -11.78 -4.11
CA SER A 89 -36.72 -12.13 -4.18
C SER A 89 -37.46 -11.62 -2.95
N ALA A 90 -36.82 -11.63 -1.79
CA ALA A 90 -37.45 -11.10 -0.59
C ALA A 90 -37.57 -9.58 -0.65
N VAL A 91 -36.53 -8.92 -1.18
CA VAL A 91 -36.58 -7.47 -1.30
C VAL A 91 -37.67 -7.06 -2.28
N SER A 92 -37.77 -7.76 -3.40
CA SER A 92 -38.73 -7.38 -4.44
C SER A 92 -40.16 -7.63 -4.00
N SER A 93 -40.39 -8.66 -3.18
CA SER A 93 -41.75 -9.03 -2.80
C SER A 93 -42.28 -8.23 -1.62
N SER A 94 -41.41 -7.77 -0.73
CA SER A 94 -41.82 -7.10 0.50
C SER A 94 -41.59 -5.59 0.49
N LEU A 95 -40.43 -5.14 0.01
CA LEU A 95 -40.04 -3.74 0.12
C LEU A 95 -40.27 -2.95 -1.17
N LEU A 96 -39.79 -3.46 -2.31
CA LEU A 96 -39.92 -2.71 -3.56
C LEU A 96 -41.37 -2.62 -4.04
N SER A 97 -42.25 -3.46 -3.53
CA SER A 97 -43.66 -3.42 -3.88
C SER A 97 -44.47 -2.47 -3.00
N LEU A 98 -43.83 -1.84 -2.01
CA LEU A 98 -44.55 -0.98 -1.09
C LEU A 98 -44.97 0.31 -1.80
N THR A 99 -46.28 0.53 -1.90
CA THR A 99 -46.78 1.73 -2.56
C THR A 99 -46.26 2.97 -1.84
N GLY A 100 -45.75 3.93 -2.61
CA GLY A 100 -45.25 5.18 -2.06
C GLY A 100 -43.77 5.19 -1.73
N LEU A 101 -43.12 4.03 -1.70
CA LEU A 101 -41.69 3.99 -1.47
C LEU A 101 -40.97 4.74 -2.60
N GLU A 102 -40.11 5.68 -2.23
CA GLU A 102 -39.41 6.50 -3.20
C GLU A 102 -37.94 6.18 -3.33
N SER A 103 -37.35 5.51 -2.33
CA SER A 103 -35.95 5.13 -2.39
C SER A 103 -35.72 3.94 -1.47
N LEU A 104 -34.81 3.06 -1.88
CA LEU A 104 -34.42 1.91 -1.10
C LEU A 104 -32.92 1.79 -1.16
N PHE A 105 -32.27 1.88 0.01
CA PHE A 105 -30.82 1.80 0.11
C PHE A 105 -30.47 0.51 0.85
N LEU A 106 -29.91 -0.45 0.12
CA LEU A 106 -29.51 -1.73 0.68
C LEU A 106 -28.07 -2.04 0.30
N SER A 107 -27.19 -1.05 0.46
CA SER A 107 -25.79 -1.21 0.10
C SER A 107 -25.05 -1.97 1.20
N ASN A 108 -24.26 -2.97 0.79
CA ASN A 108 -23.49 -3.78 1.74
C ASN A 108 -24.42 -4.47 2.75
N SER A 109 -25.44 -5.15 2.23
CA SER A 109 -26.46 -5.77 3.05
C SER A 109 -26.54 -7.29 2.86
N HIS A 110 -25.56 -7.89 2.18
CA HIS A 110 -25.51 -9.33 1.97
C HIS A 110 -26.78 -9.84 1.30
N ILE A 111 -27.21 -9.14 0.26
CA ILE A 111 -28.31 -9.60 -0.58
C ILE A 111 -27.72 -10.37 -1.75
N ASN A 112 -28.03 -11.66 -1.83
CA ASN A 112 -27.57 -12.49 -2.92
C ASN A 112 -28.74 -12.81 -3.85
N GLY A 113 -28.58 -13.83 -4.69
CA GLY A 113 -29.58 -14.13 -5.67
C GLY A 113 -29.42 -13.28 -6.91
N SER A 114 -30.51 -13.20 -7.69
CA SER A 114 -30.51 -12.42 -8.91
C SER A 114 -31.85 -11.71 -9.06
N VAL A 115 -31.87 -10.69 -9.93
CA VAL A 115 -33.06 -9.89 -10.15
C VAL A 115 -34.00 -10.63 -11.09
N SER A 116 -35.31 -10.54 -10.80
CA SER A 116 -36.34 -11.13 -11.63
C SER A 116 -37.52 -10.18 -11.68
N GLY A 117 -38.54 -10.54 -12.48
CA GLY A 117 -39.70 -9.68 -12.59
C GLY A 117 -40.43 -9.55 -11.27
N PHE A 118 -41.03 -8.38 -11.06
CA PHE A 118 -41.75 -8.08 -9.84
C PHE A 118 -42.59 -6.84 -10.06
N LYS A 119 -43.53 -6.60 -9.14
CA LYS A 119 -44.38 -5.42 -9.16
C LYS A 119 -43.69 -4.31 -8.37
N CYS A 120 -43.38 -3.22 -9.05
CA CYS A 120 -42.62 -2.13 -8.48
C CYS A 120 -43.49 -0.89 -8.31
N SER A 121 -43.34 -0.21 -7.18
CA SER A 121 -44.07 1.03 -6.95
C SER A 121 -43.65 2.08 -7.96
N ALA A 122 -44.62 2.77 -8.53
CA ALA A 122 -44.34 3.84 -9.48
C ALA A 122 -43.62 5.01 -8.83
N SER A 123 -43.58 5.07 -7.50
CA SER A 123 -42.94 6.18 -6.79
C SER A 123 -41.44 5.98 -6.60
N LEU A 124 -40.95 4.75 -6.76
CA LEU A 124 -39.53 4.48 -6.55
C LEU A 124 -38.69 5.21 -7.58
N THR A 125 -37.77 6.05 -7.10
CA THR A 125 -36.88 6.82 -7.97
C THR A 125 -35.41 6.48 -7.78
N SER A 126 -35.03 5.84 -6.67
CA SER A 126 -33.63 5.52 -6.41
C SER A 126 -33.53 4.14 -5.78
N LEU A 127 -32.64 3.32 -6.31
CA LEU A 127 -32.41 1.96 -5.81
C LEU A 127 -30.92 1.73 -5.74
N ASP A 128 -30.43 1.47 -4.52
CA ASP A 128 -29.00 1.27 -4.27
C ASP A 128 -28.79 -0.15 -3.76
N LEU A 129 -28.43 -1.04 -4.67
CA LEU A 129 -28.12 -2.44 -4.34
C LEU A 129 -26.63 -2.71 -4.46
N SER A 130 -25.79 -1.73 -4.14
CA SER A 130 -24.36 -1.85 -4.34
C SER A 130 -23.71 -2.66 -3.22
N ARG A 131 -22.55 -3.24 -3.54
CA ARG A 131 -21.74 -3.98 -2.57
C ARG A 131 -22.49 -5.19 -2.01
N ASN A 132 -23.15 -5.93 -2.91
CA ASN A 132 -23.87 -7.13 -2.51
C ASN A 132 -23.33 -8.31 -3.31
N SER A 133 -24.11 -9.39 -3.39
CA SER A 133 -23.71 -10.59 -4.14
C SER A 133 -24.75 -10.95 -5.19
N LEU A 134 -25.39 -9.94 -5.80
CA LEU A 134 -26.30 -10.22 -6.91
C LEU A 134 -25.52 -10.87 -8.03
N SER A 135 -26.15 -11.85 -8.69
CA SER A 135 -25.48 -12.66 -9.69
C SER A 135 -26.38 -12.81 -10.91
N GLY A 136 -25.88 -13.52 -11.92
CA GLY A 136 -26.60 -13.71 -13.16
C GLY A 136 -26.21 -12.70 -14.21
N PRO A 137 -26.76 -12.83 -15.41
CA PRO A 137 -26.44 -11.88 -16.48
C PRO A 137 -26.99 -10.50 -16.17
N VAL A 138 -26.33 -9.49 -16.73
CA VAL A 138 -26.79 -8.11 -16.56
C VAL A 138 -28.14 -7.92 -17.21
N THR A 139 -28.53 -8.80 -18.13
CA THR A 139 -29.87 -8.74 -18.71
C THR A 139 -30.96 -8.88 -17.66
N THR A 140 -30.63 -9.41 -16.47
CA THR A 140 -31.61 -9.46 -15.39
C THR A 140 -32.10 -8.07 -15.02
N LEU A 141 -31.24 -7.06 -15.16
CA LEU A 141 -31.61 -5.70 -14.76
C LEU A 141 -32.70 -5.11 -15.65
N THR A 142 -33.00 -5.71 -16.79
CA THR A 142 -34.07 -5.22 -17.64
C THR A 142 -35.43 -5.33 -16.97
N SER A 143 -35.58 -6.27 -16.03
CA SER A 143 -36.86 -6.39 -15.33
C SER A 143 -37.09 -5.26 -14.34
N LEU A 144 -36.06 -4.47 -14.02
CA LEU A 144 -36.27 -3.27 -13.22
C LEU A 144 -37.07 -2.21 -13.97
N GLY A 145 -37.35 -2.42 -15.26
CA GLY A 145 -38.23 -1.54 -15.98
C GLY A 145 -39.63 -1.49 -15.41
N SER A 146 -40.00 -2.49 -14.60
CA SER A 146 -41.27 -2.44 -13.89
C SER A 146 -41.36 -1.20 -13.00
N CYS A 147 -40.21 -0.68 -12.56
CA CYS A 147 -40.16 0.57 -11.80
C CYS A 147 -40.23 1.73 -12.77
N SER A 148 -41.45 2.10 -13.15
CA SER A 148 -41.65 3.13 -14.15
C SER A 148 -40.99 4.45 -13.78
N GLY A 149 -40.76 4.70 -12.49
CA GLY A 149 -40.20 5.95 -12.03
C GLY A 149 -38.72 5.92 -11.71
N LEU A 150 -38.04 4.80 -11.95
CA LEU A 150 -36.65 4.68 -11.54
C LEU A 150 -35.78 5.69 -12.29
N LYS A 151 -34.98 6.45 -11.54
CA LYS A 151 -34.05 7.42 -12.12
C LYS A 151 -32.62 7.22 -11.66
N PHE A 152 -32.38 6.40 -10.64
CA PHE A 152 -31.05 6.20 -10.07
C PHE A 152 -30.89 4.73 -9.72
N LEU A 153 -29.82 4.11 -10.22
CA LEU A 153 -29.57 2.69 -10.00
C LEU A 153 -28.08 2.49 -9.79
N ASN A 154 -27.70 2.04 -8.60
CA ASN A 154 -26.33 1.67 -8.26
C ASN A 154 -26.31 0.17 -7.98
N VAL A 155 -25.83 -0.62 -8.95
CA VAL A 155 -25.69 -2.05 -8.74
C VAL A 155 -24.20 -2.41 -8.81
N SER A 156 -23.36 -1.51 -8.30
CA SER A 156 -21.92 -1.71 -8.34
C SER A 156 -21.48 -2.69 -7.25
N SER A 157 -20.26 -3.21 -7.43
CA SER A 157 -19.67 -4.17 -6.51
C SER A 157 -20.61 -5.36 -6.28
N ASN A 158 -21.07 -5.94 -7.39
CA ASN A 158 -21.80 -7.19 -7.38
C ASN A 158 -21.06 -8.16 -8.30
N THR A 159 -21.70 -9.25 -8.70
CA THR A 159 -21.07 -10.29 -9.51
C THR A 159 -21.86 -10.53 -10.80
N LEU A 160 -22.44 -9.48 -11.36
CA LEU A 160 -23.15 -9.61 -12.63
C LEU A 160 -22.15 -9.80 -13.77
N ASP A 161 -22.59 -10.52 -14.80
CA ASP A 161 -21.74 -10.80 -15.95
C ASP A 161 -22.55 -10.62 -17.22
N PHE A 162 -21.86 -10.75 -18.36
CA PHE A 162 -22.47 -10.66 -19.68
C PHE A 162 -21.98 -11.86 -20.50
N PRO A 163 -22.40 -13.07 -20.14
CA PRO A 163 -21.88 -14.25 -20.82
C PRO A 163 -22.39 -14.35 -22.25
N GLY A 164 -21.55 -14.88 -23.13
CA GLY A 164 -21.94 -15.10 -24.50
C GLY A 164 -21.86 -13.86 -25.37
N LYS A 165 -22.83 -13.70 -26.27
CA LYS A 165 -22.82 -12.61 -27.23
C LYS A 165 -23.60 -11.42 -26.69
N VAL A 166 -23.25 -10.23 -27.19
CA VAL A 166 -23.89 -8.99 -26.77
C VAL A 166 -25.08 -8.74 -27.70
N SER A 167 -26.28 -8.82 -27.13
CA SER A 167 -27.50 -8.67 -27.91
C SER A 167 -28.59 -8.07 -27.04
N GLY A 168 -29.54 -7.40 -27.69
CA GLY A 168 -30.67 -6.81 -27.01
C GLY A 168 -30.35 -5.43 -26.46
N GLY A 169 -30.92 -5.11 -25.30
CA GLY A 169 -30.67 -3.82 -24.68
C GLY A 169 -31.11 -3.84 -23.24
N LEU A 170 -30.45 -3.01 -22.43
CA LEU A 170 -30.85 -2.89 -21.03
C LEU A 170 -32.27 -2.36 -20.92
N LYS A 171 -32.65 -1.44 -21.81
CA LYS A 171 -34.01 -0.91 -21.86
C LYS A 171 -34.43 -0.27 -20.54
N LEU A 172 -33.56 0.60 -20.02
CA LEU A 172 -33.86 1.43 -18.85
C LEU A 172 -33.65 2.89 -19.22
N ASN A 173 -34.47 3.37 -20.17
CA ASN A 173 -34.27 4.69 -20.75
C ASN A 173 -34.38 5.79 -19.70
N SER A 174 -35.29 5.63 -18.74
CA SER A 174 -35.60 6.70 -17.79
C SER A 174 -34.45 7.00 -16.85
N LEU A 175 -33.44 6.14 -16.77
CA LEU A 175 -32.38 6.34 -15.81
C LEU A 175 -31.61 7.63 -16.10
N GLU A 176 -31.30 8.37 -15.04
CA GLU A 176 -30.39 9.49 -15.11
C GLU A 176 -29.00 9.15 -14.55
N VAL A 177 -28.92 8.21 -13.64
CA VAL A 177 -27.66 7.76 -13.05
C VAL A 177 -27.65 6.23 -13.06
N LEU A 178 -26.59 5.67 -13.63
CA LEU A 178 -26.41 4.22 -13.68
C LEU A 178 -24.97 3.90 -13.34
N ASP A 179 -24.76 3.00 -12.37
CA ASP A 179 -23.43 2.57 -11.97
C ASP A 179 -23.40 1.05 -11.96
N LEU A 180 -22.73 0.47 -12.96
CA LEU A 180 -22.52 -0.97 -13.07
C LEU A 180 -21.09 -1.35 -12.74
N SER A 181 -20.38 -0.52 -11.97
CA SER A 181 -18.96 -0.71 -11.76
C SER A 181 -18.69 -1.92 -10.86
N ALA A 182 -17.48 -2.47 -10.99
CA ALA A 182 -16.97 -3.49 -10.08
C ALA A 182 -17.85 -4.74 -10.09
N ASN A 183 -18.28 -5.15 -11.28
CA ASN A 183 -18.97 -6.42 -11.49
C ASN A 183 -18.04 -7.36 -12.25
N SER A 184 -18.61 -8.46 -12.76
CA SER A 184 -17.84 -9.43 -13.53
C SER A 184 -18.29 -9.41 -14.99
N ILE A 185 -18.35 -8.22 -15.58
CA ILE A 185 -18.88 -8.03 -16.93
C ILE A 185 -17.69 -8.05 -17.89
N SER A 186 -17.55 -9.15 -18.61
CA SER A 186 -16.54 -9.29 -19.65
C SER A 186 -17.25 -9.42 -20.99
N GLY A 187 -16.85 -8.60 -21.96
CA GLY A 187 -17.45 -8.64 -23.27
C GLY A 187 -17.11 -7.39 -24.05
N ALA A 188 -17.51 -7.43 -25.33
CA ALA A 188 -17.25 -6.36 -26.27
C ALA A 188 -18.54 -5.60 -26.55
N ASN A 189 -18.44 -4.27 -26.59
CA ASN A 189 -19.56 -3.40 -26.91
C ASN A 189 -20.73 -3.57 -25.94
N VAL A 190 -20.41 -3.81 -24.66
CA VAL A 190 -21.44 -3.85 -23.63
C VAL A 190 -22.05 -2.47 -23.45
N VAL A 191 -21.28 -1.40 -23.69
CA VAL A 191 -21.83 -0.05 -23.57
C VAL A 191 -22.97 0.14 -24.56
N GLY A 192 -22.80 -0.36 -25.79
CA GLY A 192 -23.87 -0.25 -26.77
C GLY A 192 -25.15 -0.91 -26.31
N TRP A 193 -25.03 -2.05 -25.62
CA TRP A 193 -26.21 -2.73 -25.09
C TRP A 193 -26.91 -1.89 -24.03
N VAL A 194 -26.13 -1.22 -23.17
CA VAL A 194 -26.71 -0.40 -22.12
C VAL A 194 -27.47 0.78 -22.72
N LEU A 195 -26.92 1.39 -23.77
CA LEU A 195 -27.46 2.60 -24.36
C LEU A 195 -28.31 2.34 -25.59
N SER A 196 -28.60 1.07 -25.90
CA SER A 196 -29.22 0.73 -27.18
C SER A 196 -30.61 1.35 -27.30
N ASP A 197 -31.42 1.26 -26.25
CA ASP A 197 -32.80 1.69 -26.30
C ASP A 197 -32.98 3.19 -26.05
N GLY A 198 -31.88 3.94 -25.94
CA GLY A 198 -31.97 5.37 -25.70
C GLY A 198 -31.20 5.80 -24.48
N CYS A 199 -30.58 6.99 -24.54
CA CYS A 199 -29.83 7.53 -23.41
C CYS A 199 -30.02 9.05 -23.30
N GLY A 200 -31.16 9.56 -23.75
CA GLY A 200 -31.38 11.00 -23.72
C GLY A 200 -31.45 11.57 -22.32
N GLU A 201 -31.89 10.77 -21.35
CA GLU A 201 -32.00 11.21 -19.97
C GLU A 201 -30.75 10.91 -19.14
N LEU A 202 -29.84 10.08 -19.66
CA LEU A 202 -28.69 9.65 -18.88
C LEU A 202 -27.75 10.83 -18.63
N LYS A 203 -27.45 11.09 -17.36
CA LYS A 203 -26.52 12.15 -16.98
C LYS A 203 -25.24 11.62 -16.37
N HIS A 204 -25.24 10.37 -15.89
CA HIS A 204 -24.10 9.82 -15.15
C HIS A 204 -24.03 8.33 -15.43
N LEU A 205 -22.97 7.90 -16.11
CA LEU A 205 -22.74 6.49 -16.42
C LEU A 205 -21.38 6.08 -15.88
N ALA A 206 -21.35 5.01 -15.10
CA ALA A 206 -20.14 4.45 -14.53
C ALA A 206 -20.15 2.95 -14.74
N ILE A 207 -19.07 2.43 -15.34
CA ILE A 207 -18.94 1.00 -15.63
C ILE A 207 -17.51 0.55 -15.34
N SER A 208 -16.83 1.25 -14.42
CA SER A 208 -15.43 0.95 -14.16
C SER A 208 -15.27 -0.40 -13.46
N GLY A 209 -14.05 -0.91 -13.49
CA GLY A 209 -13.73 -2.11 -12.75
C GLY A 209 -14.29 -3.39 -13.33
N ASN A 210 -14.65 -3.40 -14.61
CA ASN A 210 -15.08 -4.59 -15.31
C ASN A 210 -13.99 -5.00 -16.30
N LYS A 211 -14.35 -5.82 -17.29
CA LYS A 211 -13.46 -6.20 -18.38
C LYS A 211 -14.17 -6.00 -19.70
N ILE A 212 -14.71 -4.79 -19.88
CA ILE A 212 -15.46 -4.44 -21.08
C ILE A 212 -14.47 -3.93 -22.12
N SER A 213 -14.77 -4.22 -23.38
CA SER A 213 -13.94 -3.80 -24.51
C SER A 213 -14.84 -3.29 -25.62
N GLY A 214 -14.22 -2.80 -26.69
CA GLY A 214 -14.96 -2.41 -27.89
C GLY A 214 -15.22 -0.92 -27.97
N ASP A 215 -16.42 -0.56 -28.42
CA ASP A 215 -16.79 0.82 -28.70
C ASP A 215 -17.57 1.43 -27.54
N VAL A 216 -17.46 2.76 -27.42
CA VAL A 216 -18.19 3.54 -26.42
C VAL A 216 -18.74 4.75 -27.17
N ASP A 217 -19.96 4.64 -27.68
CA ASP A 217 -20.62 5.71 -28.41
C ASP A 217 -21.68 6.35 -27.51
N VAL A 218 -21.42 7.57 -27.06
CA VAL A 218 -22.33 8.31 -26.18
C VAL A 218 -22.78 9.58 -26.90
N SER A 219 -22.81 9.53 -28.24
CA SER A 219 -23.14 10.72 -29.02
C SER A 219 -24.60 11.11 -28.90
N ARG A 220 -25.49 10.13 -28.70
CA ARG A 220 -26.91 10.40 -28.49
C ARG A 220 -27.23 10.80 -27.06
N CYS A 221 -26.32 10.57 -26.12
CA CYS A 221 -26.53 10.95 -24.73
C CYS A 221 -26.12 12.41 -24.54
N VAL A 222 -26.99 13.29 -25.05
CA VAL A 222 -26.67 14.72 -25.12
C VAL A 222 -26.67 15.41 -23.77
N ASN A 223 -27.14 14.73 -22.71
CA ASN A 223 -27.14 15.29 -21.37
C ASN A 223 -26.13 14.59 -20.46
N LEU A 224 -25.27 13.75 -21.01
CA LEU A 224 -24.29 13.04 -20.20
C LEU A 224 -23.26 14.01 -19.66
N GLU A 225 -23.14 14.09 -18.33
CA GLU A 225 -22.16 14.94 -17.68
C GLU A 225 -21.01 14.17 -17.07
N PHE A 226 -21.16 12.86 -16.88
CA PHE A 226 -20.19 12.04 -16.17
C PHE A 226 -20.08 10.70 -16.88
N LEU A 227 -18.86 10.35 -17.31
CA LEU A 227 -18.60 9.06 -17.94
C LEU A 227 -17.35 8.48 -17.32
N ASP A 228 -17.47 7.28 -16.76
CA ASP A 228 -16.37 6.56 -16.13
C ASP A 228 -16.31 5.14 -16.72
N VAL A 229 -15.41 4.92 -17.67
CA VAL A 229 -15.22 3.61 -18.30
C VAL A 229 -13.85 3.06 -17.93
N SER A 230 -13.33 3.47 -16.78
CA SER A 230 -11.96 3.16 -16.39
C SER A 230 -11.83 1.70 -15.94
N SER A 231 -10.58 1.26 -15.82
CA SER A 231 -10.25 -0.09 -15.38
C SER A 231 -11.08 -1.14 -16.11
N ASN A 232 -10.98 -1.11 -17.42
CA ASN A 232 -11.66 -2.08 -18.29
C ASN A 232 -10.61 -2.69 -19.22
N ASN A 233 -11.06 -3.26 -20.34
CA ASN A 233 -10.18 -3.85 -21.33
C ASN A 233 -10.37 -3.19 -22.69
N PHE A 234 -10.48 -1.86 -22.70
CA PHE A 234 -10.60 -1.11 -23.94
C PHE A 234 -9.21 -0.93 -24.54
N SER A 235 -9.00 -1.51 -25.72
CA SER A 235 -7.71 -1.45 -26.39
C SER A 235 -7.80 -0.98 -27.84
N THR A 236 -8.98 -0.54 -28.32
CA THR A 236 -9.18 -0.20 -29.72
C THR A 236 -9.46 1.30 -29.78
N GLY A 237 -10.69 1.73 -30.05
CA GLY A 237 -10.96 3.12 -30.35
C GLY A 237 -11.25 3.93 -29.11
N ILE A 238 -11.03 5.23 -29.23
CA ILE A 238 -11.34 6.19 -28.18
C ILE A 238 -12.85 6.42 -28.21
N PRO A 239 -13.49 6.64 -27.05
CA PRO A 239 -14.94 6.86 -27.06
C PRO A 239 -15.33 7.99 -28.00
N PHE A 240 -16.50 7.84 -28.62
CA PHE A 240 -17.09 8.88 -29.47
C PHE A 240 -18.10 9.65 -28.63
N LEU A 241 -17.81 10.93 -28.41
CA LEU A 241 -18.60 11.79 -27.54
C LEU A 241 -19.53 12.73 -28.29
N GLY A 242 -19.55 12.66 -29.62
CA GLY A 242 -20.42 13.53 -30.39
C GLY A 242 -20.10 14.98 -30.14
N ASP A 243 -21.14 15.76 -29.82
CA ASP A 243 -20.97 17.19 -29.56
C ASP A 243 -20.40 17.47 -28.17
N CYS A 244 -20.58 16.54 -27.23
CA CYS A 244 -19.92 16.65 -25.93
C CYS A 244 -20.36 17.91 -25.19
N SER A 245 -21.65 18.26 -25.33
CA SER A 245 -22.13 19.56 -24.88
C SER A 245 -22.26 19.66 -23.37
N ALA A 246 -22.46 18.54 -22.68
CA ALA A 246 -22.64 18.54 -21.24
C ALA A 246 -21.55 17.81 -20.48
N LEU A 247 -20.61 17.15 -21.18
CA LEU A 247 -19.63 16.31 -20.50
C LEU A 247 -18.74 17.16 -19.62
N GLN A 248 -18.76 16.89 -18.32
CA GLN A 248 -17.90 17.56 -17.35
C GLN A 248 -16.83 16.65 -16.78
N HIS A 249 -17.00 15.33 -16.86
CA HIS A 249 -16.12 14.38 -16.21
C HIS A 249 -15.89 13.20 -17.15
N LEU A 250 -14.65 13.00 -17.58
CA LEU A 250 -14.30 11.93 -18.50
C LEU A 250 -13.13 11.14 -17.90
N ASP A 251 -13.36 9.86 -17.62
CA ASP A 251 -12.41 9.02 -16.91
C ASP A 251 -12.23 7.75 -17.75
N ILE A 252 -11.16 7.70 -18.56
CA ILE A 252 -10.86 6.55 -19.39
C ILE A 252 -9.58 5.84 -18.93
N SER A 253 -9.16 6.09 -17.70
CA SER A 253 -7.88 5.59 -17.23
C SER A 253 -7.92 4.07 -17.05
N GLY A 254 -6.73 3.49 -16.94
CA GLY A 254 -6.60 2.07 -16.66
C GLY A 254 -7.11 1.16 -17.77
N ASN A 255 -6.82 1.50 -19.02
CA ASN A 255 -7.14 0.65 -20.16
C ASN A 255 -5.85 0.45 -20.97
N LYS A 256 -6.00 0.15 -22.25
CA LYS A 256 -4.87 -0.04 -23.17
C LYS A 256 -5.06 0.81 -24.42
N LEU A 257 -5.39 2.09 -24.23
CA LEU A 257 -5.72 2.97 -25.33
C LEU A 257 -4.47 3.70 -25.82
N SER A 258 -4.38 3.89 -27.14
CA SER A 258 -3.20 4.50 -27.74
C SER A 258 -3.55 5.43 -28.90
N GLY A 259 -4.83 5.66 -29.18
CA GLY A 259 -5.24 6.45 -30.33
C GLY A 259 -5.31 7.94 -30.02
N ASP A 260 -5.99 8.66 -30.91
CA ASP A 260 -6.03 10.12 -30.88
C ASP A 260 -7.20 10.56 -29.99
N PHE A 261 -6.91 10.76 -28.71
CA PHE A 261 -7.93 11.24 -27.79
C PHE A 261 -8.18 12.73 -27.94
N SER A 262 -7.17 13.49 -28.38
CA SER A 262 -7.33 14.93 -28.54
C SER A 262 -8.46 15.26 -29.51
N ARG A 263 -8.52 14.54 -30.63
CA ARG A 263 -9.57 14.80 -31.60
C ARG A 263 -10.94 14.41 -31.07
N ALA A 264 -11.01 13.35 -30.27
CA ALA A 264 -12.30 12.89 -29.75
C ALA A 264 -12.87 13.87 -28.74
N ILE A 265 -12.02 14.58 -28.00
CA ILE A 265 -12.46 15.49 -26.95
C ILE A 265 -12.36 16.95 -27.39
N SER A 266 -12.11 17.22 -28.68
CA SER A 266 -11.87 18.58 -29.12
C SER A 266 -13.08 19.47 -28.89
N THR A 267 -14.28 18.94 -29.10
CA THR A 267 -15.51 19.73 -28.95
C THR A 267 -16.02 19.78 -27.52
N CYS A 268 -15.28 19.23 -26.55
CA CYS A 268 -15.76 19.16 -25.16
C CYS A 268 -15.43 20.47 -24.46
N THR A 269 -16.36 21.42 -24.55
CA THR A 269 -16.12 22.75 -24.00
C THR A 269 -16.29 22.80 -22.49
N GLU A 270 -17.08 21.90 -21.91
CA GLU A 270 -17.44 21.97 -20.50
C GLU A 270 -16.64 21.00 -19.63
N LEU A 271 -15.60 20.39 -20.16
CA LEU A 271 -14.89 19.34 -19.42
C LEU A 271 -14.12 19.94 -18.24
N LYS A 272 -14.41 19.43 -17.04
CA LYS A 272 -13.71 19.85 -15.83
C LYS A 272 -12.72 18.81 -15.31
N LEU A 273 -12.90 17.54 -15.64
CA LEU A 273 -11.98 16.48 -15.23
C LEU A 273 -11.70 15.58 -16.41
N LEU A 274 -10.41 15.37 -16.70
CA LEU A 274 -9.96 14.46 -17.74
C LEU A 274 -8.86 13.59 -17.14
N ASN A 275 -9.15 12.31 -16.98
CA ASN A 275 -8.21 11.33 -16.45
C ASN A 275 -7.98 10.26 -17.52
N ILE A 276 -6.85 10.35 -18.22
CA ILE A 276 -6.49 9.36 -19.23
C ILE A 276 -5.27 8.55 -18.78
N SER A 277 -5.00 8.53 -17.48
CA SER A 277 -3.79 7.90 -16.97
C SER A 277 -3.85 6.38 -17.11
N SER A 278 -2.69 5.76 -16.95
CA SER A 278 -2.56 4.30 -17.02
C SER A 278 -3.12 3.75 -18.33
N ASN A 279 -2.64 4.30 -19.44
CA ASN A 279 -2.99 3.81 -20.77
C ASN A 279 -1.70 3.61 -21.56
N GLN A 280 -1.82 3.51 -22.88
CA GLN A 280 -0.69 3.29 -23.77
C GLN A 280 -0.56 4.43 -24.77
N PHE A 281 -0.86 5.65 -24.33
CA PHE A 281 -0.70 6.82 -25.19
C PHE A 281 0.78 7.20 -25.30
N VAL A 282 1.13 7.79 -26.44
CA VAL A 282 2.52 8.11 -26.77
C VAL A 282 2.57 9.54 -27.34
N GLY A 283 3.78 9.95 -27.72
CA GLY A 283 3.95 11.22 -28.38
C GLY A 283 3.86 12.40 -27.44
N PRO A 284 3.95 13.60 -28.00
CA PRO A 284 3.86 14.81 -27.16
C PRO A 284 2.44 15.07 -26.70
N ILE A 285 2.32 16.00 -25.75
CA ILE A 285 1.01 16.38 -25.22
C ILE A 285 0.22 17.02 -26.35
N PRO A 286 -0.89 16.43 -26.79
CA PRO A 286 -1.63 16.99 -27.92
C PRO A 286 -2.49 18.17 -27.47
N PRO A 287 -3.11 18.89 -28.41
CA PRO A 287 -4.02 19.96 -28.03
C PRO A 287 -5.13 19.45 -27.11
N LEU A 288 -5.61 20.32 -26.24
CA LEU A 288 -6.56 19.93 -25.21
C LEU A 288 -7.63 21.00 -25.04
N PRO A 289 -8.82 20.63 -24.58
CA PRO A 289 -9.82 21.64 -24.22
C PRO A 289 -9.63 22.17 -22.81
N LEU A 290 -9.17 23.43 -22.67
CA LEU A 290 -8.69 23.93 -21.40
C LEU A 290 -9.62 24.94 -20.74
N LYS A 291 -10.72 25.31 -21.40
CA LYS A 291 -11.54 26.41 -20.90
C LYS A 291 -12.02 26.15 -19.47
N SER A 292 -12.54 24.95 -19.20
CA SER A 292 -13.14 24.64 -17.92
C SER A 292 -12.34 23.62 -17.12
N LEU A 293 -11.16 23.23 -17.59
CA LEU A 293 -10.46 22.09 -17.02
C LEU A 293 -9.98 22.40 -15.61
N GLN A 294 -10.40 21.56 -14.65
CA GLN A 294 -9.96 21.66 -13.27
C GLN A 294 -8.96 20.57 -12.88
N TYR A 295 -9.16 19.34 -13.33
CA TYR A 295 -8.24 18.24 -13.06
C TYR A 295 -7.80 17.60 -14.37
N LEU A 296 -6.51 17.36 -14.51
CA LEU A 296 -5.95 16.73 -15.70
C LEU A 296 -4.89 15.74 -15.26
N SER A 297 -5.00 14.50 -15.75
CA SER A 297 -4.00 13.48 -15.47
C SER A 297 -3.68 12.74 -16.76
N LEU A 298 -2.43 12.82 -17.20
CA LEU A 298 -1.90 12.01 -18.28
C LEU A 298 -0.90 10.98 -17.78
N ALA A 299 -0.94 10.66 -16.48
CA ALA A 299 0.11 9.91 -15.84
C ALA A 299 0.11 8.45 -16.27
N GLU A 300 1.24 7.79 -16.05
CA GLU A 300 1.42 6.37 -16.35
C GLU A 300 1.10 6.08 -17.82
N ASN A 301 1.67 6.90 -18.70
CA ASN A 301 1.59 6.68 -20.13
C ASN A 301 3.03 6.70 -20.67
N LYS A 302 3.19 6.99 -21.96
CA LYS A 302 4.49 7.12 -22.59
C LYS A 302 4.57 8.41 -23.38
N PHE A 303 3.96 9.47 -22.86
CA PHE A 303 4.08 10.79 -23.48
C PHE A 303 5.53 11.25 -23.44
N THR A 304 5.90 12.08 -24.41
CA THR A 304 7.27 12.56 -24.57
C THR A 304 7.27 14.07 -24.70
N GLY A 305 8.47 14.65 -24.72
CA GLY A 305 8.63 16.06 -24.95
C GLY A 305 8.69 16.87 -23.68
N GLU A 306 8.59 18.19 -23.86
CA GLU A 306 8.58 19.15 -22.76
C GLU A 306 7.15 19.57 -22.47
N ILE A 307 6.96 20.14 -21.28
CA ILE A 307 5.66 20.67 -20.89
C ILE A 307 5.32 21.81 -21.85
N PRO A 308 4.27 21.68 -22.66
CA PRO A 308 3.97 22.72 -23.65
C PRO A 308 3.40 23.96 -22.98
N ASP A 309 3.67 25.11 -23.61
CA ASP A 309 3.21 26.39 -23.08
C ASP A 309 1.72 26.64 -23.32
N PHE A 310 1.09 25.90 -24.23
CA PHE A 310 -0.34 26.10 -24.45
C PHE A 310 -1.14 25.74 -23.20
N LEU A 311 -0.59 24.86 -22.35
CA LEU A 311 -1.27 24.53 -21.11
C LEU A 311 -1.46 25.74 -20.20
N SER A 312 -0.69 26.81 -20.42
CA SER A 312 -0.89 28.03 -19.65
C SER A 312 -2.34 28.50 -19.71
N GLY A 313 -3.02 28.23 -20.82
CA GLY A 313 -4.41 28.62 -20.97
C GLY A 313 -5.35 27.98 -19.95
N ALA A 314 -4.86 27.01 -19.17
CA ALA A 314 -5.66 26.34 -18.16
C ALA A 314 -5.44 26.91 -16.76
N CYS A 315 -4.54 27.88 -16.59
CA CYS A 315 -4.21 28.36 -15.25
C CYS A 315 -5.33 29.16 -14.60
N ASP A 316 -6.39 29.50 -15.34
CA ASP A 316 -7.52 30.19 -14.73
C ASP A 316 -8.41 29.23 -13.96
N THR A 317 -8.34 27.94 -14.24
CA THR A 317 -9.25 26.95 -13.65
C THR A 317 -8.56 25.74 -13.05
N LEU A 318 -7.30 25.48 -13.39
CA LEU A 318 -6.66 24.21 -13.05
C LEU A 318 -6.43 24.11 -11.54
N THR A 319 -6.98 23.06 -10.94
CA THR A 319 -6.77 22.77 -9.53
C THR A 319 -5.92 21.53 -9.28
N GLY A 320 -5.62 20.74 -10.32
CA GLY A 320 -4.86 19.53 -10.16
C GLY A 320 -4.23 19.03 -11.45
N LEU A 321 -2.94 18.73 -11.43
CA LEU A 321 -2.22 18.29 -12.60
C LEU A 321 -1.34 17.10 -12.23
N ASP A 322 -1.37 16.06 -13.06
CA ASP A 322 -0.56 14.86 -12.82
C ASP A 322 0.01 14.42 -14.16
N LEU A 323 1.31 14.67 -14.34
CA LEU A 323 2.05 14.24 -15.53
C LEU A 323 3.08 13.16 -15.20
N SER A 324 2.90 12.47 -14.07
CA SER A 324 3.91 11.53 -13.59
C SER A 324 3.95 10.28 -14.47
N GLY A 325 5.07 9.57 -14.38
CA GLY A 325 5.22 8.29 -15.05
C GLY A 325 5.17 8.37 -16.56
N ASN A 326 5.88 9.33 -17.14
CA ASN A 326 5.97 9.47 -18.59
C ASN A 326 7.45 9.61 -18.96
N HIS A 327 7.71 10.11 -20.16
CA HIS A 327 9.07 10.35 -20.64
C HIS A 327 9.27 11.84 -20.90
N PHE A 328 8.53 12.69 -20.19
CA PHE A 328 8.72 14.13 -20.30
C PHE A 328 10.14 14.51 -19.85
N TYR A 329 10.62 15.63 -20.36
CA TYR A 329 11.94 16.13 -20.00
C TYR A 329 11.90 17.65 -20.00
N GLY A 330 13.06 18.25 -19.73
CA GLY A 330 13.15 19.69 -19.68
C GLY A 330 12.96 20.23 -18.28
N ALA A 331 12.79 21.55 -18.22
CA ALA A 331 12.56 22.25 -16.97
C ALA A 331 11.08 22.54 -16.79
N VAL A 332 10.72 22.96 -15.59
CA VAL A 332 9.35 23.34 -15.28
C VAL A 332 9.09 24.71 -15.88
N PRO A 333 8.14 24.87 -16.80
CA PRO A 333 7.93 26.16 -17.45
C PRO A 333 7.52 27.22 -16.44
N PRO A 334 7.75 28.50 -16.73
CA PRO A 334 7.45 29.54 -15.75
C PRO A 334 5.98 29.93 -15.70
N PHE A 335 5.17 29.55 -16.69
CA PHE A 335 3.77 29.94 -16.66
C PHE A 335 3.03 29.32 -15.49
N PHE A 336 3.60 28.29 -14.86
CA PHE A 336 2.97 27.70 -13.67
C PHE A 336 2.79 28.72 -12.56
N GLY A 337 3.49 29.85 -12.61
CA GLY A 337 3.24 30.92 -11.65
C GLY A 337 1.85 31.51 -11.76
N SER A 338 1.29 31.54 -12.98
CA SER A 338 -0.06 32.02 -13.18
C SER A 338 -1.12 31.02 -12.74
N CYS A 339 -0.73 29.76 -12.54
CA CYS A 339 -1.65 28.73 -12.04
C CYS A 339 -1.80 28.89 -10.52
N SER A 340 -2.63 29.85 -10.13
CA SER A 340 -2.79 30.20 -8.73
C SER A 340 -3.74 29.29 -7.99
N LEU A 341 -4.67 28.65 -8.68
CA LEU A 341 -5.62 27.73 -8.06
C LEU A 341 -5.08 26.31 -7.93
N LEU A 342 -3.87 26.05 -8.40
CA LEU A 342 -3.32 24.70 -8.41
C LEU A 342 -3.11 24.21 -6.98
N GLU A 343 -3.70 23.07 -6.65
CA GLU A 343 -3.56 22.47 -5.33
C GLU A 343 -2.73 21.19 -5.34
N SER A 344 -2.41 20.64 -6.51
CA SER A 344 -1.60 19.43 -6.60
C SER A 344 -0.83 19.48 -7.91
N LEU A 345 0.49 19.38 -7.82
CA LEU A 345 1.38 19.35 -8.98
C LEU A 345 2.21 18.08 -8.88
N ALA A 346 1.81 17.05 -9.61
CA ALA A 346 2.53 15.78 -9.66
C ALA A 346 3.29 15.71 -10.97
N LEU A 347 4.63 15.62 -10.88
CA LEU A 347 5.49 15.56 -12.05
C LEU A 347 6.55 14.46 -11.90
N SER A 348 6.29 13.46 -11.07
CA SER A 348 7.32 12.51 -10.68
C SER A 348 7.56 11.46 -11.76
N SER A 349 8.72 10.81 -11.65
CA SER A 349 9.10 9.71 -12.55
C SER A 349 9.09 10.16 -14.00
N ASN A 350 9.83 11.23 -14.28
CA ASN A 350 10.07 11.69 -15.65
C ASN A 350 11.57 11.90 -15.78
N ASN A 351 11.99 12.66 -16.79
CA ASN A 351 13.38 13.08 -16.94
C ASN A 351 13.49 14.60 -16.89
N PHE A 352 12.66 15.23 -16.05
CA PHE A 352 12.78 16.66 -15.84
C PHE A 352 14.14 16.98 -15.23
N SER A 353 14.64 18.18 -15.50
CA SER A 353 16.00 18.55 -15.10
C SER A 353 16.03 20.04 -14.80
N GLY A 354 17.23 20.52 -14.45
CA GLY A 354 17.43 21.92 -14.16
C GLY A 354 16.99 22.30 -12.76
N GLU A 355 17.43 23.48 -12.35
CA GLU A 355 16.94 24.05 -11.10
C GLU A 355 15.51 24.50 -11.27
N LEU A 356 14.76 24.51 -10.16
CA LEU A 356 13.36 24.87 -10.30
C LEU A 356 13.15 26.34 -9.94
N PRO A 357 12.20 27.02 -10.59
CA PRO A 357 12.09 28.48 -10.42
C PRO A 357 11.54 28.82 -9.04
N MET A 358 12.32 29.56 -8.26
CA MET A 358 11.85 30.05 -6.97
C MET A 358 10.86 31.19 -7.10
N ASP A 359 10.74 31.78 -8.30
CA ASP A 359 9.80 32.87 -8.53
C ASP A 359 8.40 32.38 -8.91
N THR A 360 8.29 31.18 -9.48
CA THR A 360 6.98 30.66 -9.87
C THR A 360 6.25 29.97 -8.72
N LEU A 361 6.99 29.29 -7.85
CA LEU A 361 6.36 28.54 -6.78
C LEU A 361 5.63 29.45 -5.80
N LEU A 362 6.20 30.62 -5.51
CA LEU A 362 5.63 31.50 -4.50
C LEU A 362 4.22 31.93 -4.84
N LYS A 363 3.83 31.90 -6.12
CA LYS A 363 2.52 32.34 -6.54
C LYS A 363 1.44 31.29 -6.35
N MET A 364 1.81 30.04 -6.09
CA MET A 364 0.83 28.96 -5.89
C MET A 364 0.41 28.92 -4.42
N ARG A 365 -0.41 29.92 -4.06
CA ARG A 365 -0.83 30.04 -2.67
C ARG A 365 -1.65 28.84 -2.21
N GLY A 366 -2.32 28.15 -3.14
CA GLY A 366 -3.17 27.03 -2.79
C GLY A 366 -2.50 25.67 -2.85
N LEU A 367 -1.32 25.58 -3.45
CA LEU A 367 -0.62 24.31 -3.59
C LEU A 367 -0.53 23.59 -2.26
N LYS A 368 -1.16 22.43 -2.18
CA LYS A 368 -1.08 21.59 -0.99
C LYS A 368 -0.39 20.25 -1.24
N VAL A 369 0.02 19.97 -2.48
CA VAL A 369 0.82 18.79 -2.79
C VAL A 369 1.80 19.14 -3.90
N LEU A 370 3.09 18.92 -3.64
CA LEU A 370 4.14 19.12 -4.64
C LEU A 370 4.99 17.86 -4.69
N ASP A 371 4.87 17.11 -5.78
CA ASP A 371 5.59 15.85 -5.96
C ASP A 371 6.47 15.96 -7.20
N LEU A 372 7.77 16.10 -6.99
CA LEU A 372 8.75 16.21 -8.08
C LEU A 372 9.74 15.04 -8.06
N SER A 373 9.35 13.93 -7.45
CA SER A 373 10.30 12.86 -7.17
C SER A 373 10.68 12.10 -8.43
N PHE A 374 11.84 11.45 -8.38
CA PHE A 374 12.34 10.62 -9.48
C PHE A 374 12.50 11.44 -10.76
N ASN A 375 13.31 12.49 -10.64
CA ASN A 375 13.74 13.29 -11.78
C ASN A 375 15.21 13.61 -11.56
N GLU A 376 15.70 14.66 -12.22
CA GLU A 376 17.09 15.09 -12.08
C GLU A 376 17.18 16.59 -11.85
N PHE A 377 16.20 17.17 -11.16
CA PHE A 377 16.32 18.56 -10.72
C PHE A 377 17.61 18.73 -9.92
N SER A 378 18.24 19.88 -10.08
CA SER A 378 19.50 20.17 -9.42
C SER A 378 19.40 21.52 -8.72
N GLY A 379 20.52 21.95 -8.14
CA GLY A 379 20.55 23.19 -7.40
C GLY A 379 20.08 23.00 -5.97
N GLU A 380 19.83 24.14 -5.32
CA GLU A 380 19.45 24.18 -3.92
C GLU A 380 17.96 24.41 -3.77
N LEU A 381 17.44 23.98 -2.63
CA LEU A 381 16.02 24.15 -2.34
C LEU A 381 15.63 25.63 -2.50
N PRO A 382 14.56 25.93 -3.22
CA PRO A 382 14.16 27.33 -3.38
C PRO A 382 13.56 27.89 -2.09
N GLU A 383 13.94 29.11 -1.76
CA GLU A 383 13.37 29.78 -0.59
C GLU A 383 11.86 29.90 -0.69
N SER A 384 11.30 29.76 -1.90
CA SER A 384 9.84 29.74 -2.06
C SER A 384 9.20 28.75 -1.09
N LEU A 385 9.87 27.63 -0.84
CA LEU A 385 9.28 26.60 0.02
C LEU A 385 9.09 27.10 1.44
N THR A 386 9.95 28.01 1.90
CA THR A 386 9.79 28.54 3.25
C THR A 386 8.46 29.26 3.42
N ASN A 387 7.87 29.74 2.32
CA ASN A 387 6.54 30.36 2.36
C ASN A 387 5.44 29.34 2.12
N LEU A 388 5.62 28.47 1.12
CA LEU A 388 4.62 27.46 0.80
C LEU A 388 4.43 26.44 1.93
N SER A 389 5.31 26.43 2.92
CA SER A 389 5.12 25.55 4.08
C SER A 389 3.83 25.82 4.82
N ALA A 390 3.15 26.94 4.56
CA ALA A 390 1.91 27.27 5.24
C ALA A 390 0.68 26.67 4.56
N SER A 391 0.81 26.17 3.34
CA SER A 391 -0.28 25.51 2.64
C SER A 391 0.02 24.09 2.22
N LEU A 392 1.29 23.69 2.19
CA LEU A 392 1.66 22.36 1.73
C LEU A 392 1.40 21.31 2.80
N LEU A 393 0.92 20.15 2.35
CA LEU A 393 0.82 18.97 3.20
C LEU A 393 1.85 17.92 2.86
N THR A 394 2.25 17.84 1.59
CA THR A 394 3.24 16.87 1.11
C THR A 394 4.22 17.60 0.22
N LEU A 395 5.50 17.58 0.61
CA LEU A 395 6.60 18.07 -0.21
C LEU A 395 7.49 16.88 -0.53
N ASP A 396 7.47 16.44 -1.79
CA ASP A 396 8.19 15.25 -2.23
C ASP A 396 9.19 15.65 -3.32
N LEU A 397 10.47 15.72 -2.94
CA LEU A 397 11.56 16.01 -3.85
C LEU A 397 12.53 14.84 -3.93
N SER A 398 12.09 13.66 -3.53
CA SER A 398 12.99 12.53 -3.36
C SER A 398 13.51 12.04 -4.72
N SER A 399 14.67 11.39 -4.68
CA SER A 399 15.32 10.86 -5.87
C SER A 399 15.50 11.94 -6.94
N ASN A 400 16.28 12.95 -6.58
CA ASN A 400 16.65 14.02 -7.51
C ASN A 400 18.15 14.28 -7.37
N ASN A 401 18.61 15.38 -7.95
CA ASN A 401 20.00 15.80 -7.93
C ASN A 401 20.20 17.10 -7.17
N PHE A 402 19.28 17.41 -6.25
CA PHE A 402 19.42 18.63 -5.46
C PHE A 402 20.68 18.56 -4.60
N SER A 403 21.14 19.73 -4.17
CA SER A 403 22.37 19.85 -3.40
C SER A 403 22.23 21.01 -2.43
N GLY A 404 23.22 21.15 -1.55
CA GLY A 404 23.25 22.24 -0.60
C GLY A 404 22.57 21.88 0.70
N PRO A 405 22.41 22.86 1.58
CA PRO A 405 21.79 22.60 2.88
C PRO A 405 20.27 22.54 2.79
N ILE A 406 19.68 21.92 3.81
CA ILE A 406 18.23 21.96 3.95
C ILE A 406 17.82 23.33 4.45
N LEU A 407 16.72 23.86 3.92
CA LEU A 407 16.24 25.18 4.30
C LEU A 407 16.21 25.30 5.81
N PRO A 408 17.00 26.20 6.42
CA PRO A 408 16.97 26.36 7.87
C PRO A 408 15.80 27.19 8.37
N ASN A 409 14.99 27.73 7.46
CA ASN A 409 13.88 28.62 7.81
C ASN A 409 12.53 28.03 7.41
N LEU A 410 12.50 26.78 6.95
CA LEU A 410 11.24 26.14 6.62
C LEU A 410 10.35 26.07 7.85
N CYS A 411 9.05 26.25 7.64
CA CYS A 411 8.05 26.17 8.72
C CYS A 411 8.23 27.30 9.73
N GLN A 412 8.51 28.51 9.24
CA GLN A 412 8.60 29.69 10.09
C GLN A 412 7.30 30.48 10.11
N ASN A 413 6.25 29.96 9.47
CA ASN A 413 4.99 30.69 9.37
C ASN A 413 4.17 30.50 10.64
N PRO A 414 3.16 31.35 10.85
CA PRO A 414 2.34 31.20 12.07
C PRO A 414 1.74 29.81 12.21
N LYS A 415 1.25 29.23 11.11
CA LYS A 415 0.72 27.88 11.08
C LYS A 415 1.34 27.14 9.91
N ASN A 416 2.22 26.20 10.21
CA ASN A 416 2.87 25.36 9.19
C ASN A 416 2.09 24.06 9.10
N THR A 417 1.55 23.77 7.92
CA THR A 417 0.68 22.64 7.72
C THR A 417 1.38 21.44 7.09
N LEU A 418 2.69 21.54 6.81
CA LEU A 418 3.41 20.45 6.19
C LEU A 418 3.32 19.18 7.04
N GLN A 419 2.90 18.08 6.41
CA GLN A 419 2.78 16.80 7.08
C GLN A 419 3.83 15.78 6.63
N GLU A 420 4.30 15.88 5.39
CA GLU A 420 5.24 14.92 4.83
C GLU A 420 6.38 15.67 4.17
N LEU A 421 7.61 15.41 4.62
CA LEU A 421 8.81 16.01 4.05
C LEU A 421 9.69 14.89 3.52
N TYR A 422 9.76 14.78 2.20
CA TYR A 422 10.48 13.71 1.52
C TYR A 422 11.63 14.33 0.73
N LEU A 423 12.84 14.30 1.30
CA LEU A 423 14.03 14.84 0.65
C LEU A 423 15.09 13.76 0.46
N GLN A 424 14.70 12.49 0.54
CA GLN A 424 15.68 11.42 0.53
C GLN A 424 16.23 11.20 -0.88
N ASN A 425 17.44 10.65 -0.94
CA ASN A 425 18.14 10.35 -2.19
C ASN A 425 18.35 11.62 -3.02
N ASN A 426 19.15 12.51 -2.43
CA ASN A 426 19.61 13.72 -3.10
C ASN A 426 21.09 13.88 -2.77
N GLY A 427 21.60 15.10 -2.92
CA GLY A 427 22.96 15.39 -2.52
C GLY A 427 23.02 16.45 -1.44
N PHE A 428 22.01 16.47 -0.56
CA PHE A 428 21.96 17.47 0.48
C PHE A 428 23.10 17.24 1.48
N THR A 429 23.73 18.33 1.89
CA THR A 429 24.85 18.33 2.82
C THR A 429 24.51 19.19 4.03
N GLY A 430 25.43 19.25 4.98
CA GLY A 430 25.24 20.06 6.17
C GLY A 430 24.55 19.31 7.29
N LYS A 431 23.95 20.08 8.18
CA LYS A 431 23.27 19.57 9.37
C LYS A 431 21.78 19.44 9.11
N ILE A 432 21.14 18.60 9.93
CA ILE A 432 19.67 18.55 9.98
C ILE A 432 19.22 19.80 10.75
N PRO A 433 18.52 20.74 10.11
CA PRO A 433 18.12 21.96 10.81
C PRO A 433 17.23 21.64 12.01
N PRO A 434 17.59 22.10 13.21
CA PRO A 434 16.66 21.94 14.34
C PRO A 434 15.34 22.65 14.11
N THR A 435 15.29 23.58 13.16
CA THR A 435 14.06 24.31 12.85
C THR A 435 12.93 23.39 12.40
N LEU A 436 13.26 22.19 11.91
CA LEU A 436 12.23 21.27 11.44
C LEU A 436 11.23 20.91 12.54
N SER A 437 11.59 21.12 13.81
CA SER A 437 10.64 20.87 14.89
C SER A 437 9.50 21.87 14.88
N ASN A 438 9.66 23.02 14.24
CA ASN A 438 8.58 23.99 14.11
C ASN A 438 7.52 23.55 13.12
N CYS A 439 7.79 22.51 12.30
CA CYS A 439 6.77 21.88 11.47
C CYS A 439 5.94 20.96 12.37
N SER A 440 5.02 21.58 13.12
CA SER A 440 4.33 20.84 14.18
C SER A 440 3.44 19.72 13.62
N GLU A 441 2.95 19.86 12.39
CA GLU A 441 2.02 18.91 11.82
C GLU A 441 2.71 17.76 11.08
N LEU A 442 4.01 17.57 11.31
CA LEU A 442 4.77 16.60 10.54
C LEU A 442 4.42 15.18 10.97
N VAL A 443 4.25 14.29 9.98
CA VAL A 443 3.92 12.89 10.22
C VAL A 443 5.03 11.99 9.67
N SER A 444 5.67 12.42 8.59
CA SER A 444 6.72 11.64 7.95
C SER A 444 7.88 12.55 7.59
N LEU A 445 9.05 12.26 8.13
CA LEU A 445 10.30 12.94 7.78
C LEU A 445 11.25 11.92 7.18
N HIS A 446 11.65 12.15 5.93
CA HIS A 446 12.50 11.23 5.19
C HIS A 446 13.65 12.02 4.60
N LEU A 447 14.83 11.92 5.22
CA LEU A 447 16.03 12.59 4.75
C LEU A 447 17.15 11.60 4.40
N SER A 448 16.79 10.33 4.21
CA SER A 448 17.79 9.29 3.97
C SER A 448 18.50 9.53 2.64
N PHE A 449 19.59 8.81 2.44
CA PHE A 449 20.36 8.85 1.19
C PHE A 449 20.74 10.28 0.84
N ASN A 450 21.46 10.92 1.75
CA ASN A 450 22.04 12.23 1.52
C ASN A 450 23.45 12.20 2.09
N TYR A 451 24.02 13.38 2.34
CA TYR A 451 25.34 13.50 2.94
C TYR A 451 25.28 14.39 4.16
N LEU A 452 24.21 14.25 4.94
CA LEU A 452 24.01 15.07 6.12
C LEU A 452 24.96 14.63 7.23
N SER A 453 25.45 15.60 8.00
CA SER A 453 26.32 15.35 9.12
C SER A 453 25.70 15.98 10.38
N GLY A 454 26.45 15.93 11.47
CA GLY A 454 25.94 16.40 12.74
C GLY A 454 25.15 15.31 13.44
N THR A 455 24.34 15.74 14.40
CA THR A 455 23.54 14.83 15.22
C THR A 455 22.08 14.87 14.79
N ILE A 456 21.30 13.99 15.40
CA ILE A 456 19.85 13.99 15.22
C ILE A 456 19.29 15.05 16.16
N PRO A 457 18.76 16.16 15.67
CA PRO A 457 18.36 17.25 16.57
C PRO A 457 17.39 16.77 17.64
N SER A 458 17.71 17.08 18.89
CA SER A 458 16.82 16.71 19.99
C SER A 458 15.47 17.40 19.88
N SER A 459 15.38 18.48 19.12
CA SER A 459 14.11 19.19 18.98
C SER A 459 13.06 18.37 18.26
N LEU A 460 13.47 17.36 17.47
CA LEU A 460 12.51 16.51 16.80
C LEU A 460 11.55 15.83 17.77
N GLY A 461 11.91 15.75 19.05
CA GLY A 461 10.99 15.26 20.07
C GLY A 461 9.76 16.13 20.25
N SER A 462 9.75 17.34 19.68
CA SER A 462 8.58 18.21 19.74
C SER A 462 7.56 17.91 18.66
N LEU A 463 7.87 17.03 17.71
CA LEU A 463 6.93 16.67 16.65
C LEU A 463 5.96 15.64 17.22
N SER A 464 4.90 16.14 17.86
CA SER A 464 3.99 15.28 18.61
C SER A 464 3.21 14.32 17.74
N LYS A 465 3.17 14.54 16.42
CA LYS A 465 2.41 13.70 15.51
C LYS A 465 3.29 12.83 14.63
N LEU A 466 4.61 12.93 14.76
CA LEU A 466 5.50 12.20 13.85
C LEU A 466 5.29 10.70 13.98
N ARG A 467 5.22 10.02 12.83
CA ARG A 467 5.15 8.57 12.76
C ARG A 467 6.37 7.93 12.16
N ASP A 468 6.99 8.56 11.17
CA ASP A 468 8.11 7.98 10.44
C ASP A 468 9.30 8.94 10.51
N LEU A 469 10.40 8.44 11.08
CA LEU A 469 11.67 9.17 11.12
C LEU A 469 12.69 8.32 10.39
N LYS A 470 13.07 8.74 9.18
CA LYS A 470 13.97 7.96 8.32
C LYS A 470 15.14 8.85 7.93
N LEU A 471 16.34 8.43 8.30
CA LEU A 471 17.54 9.23 8.06
C LEU A 471 18.73 8.35 7.68
N TRP A 472 18.47 7.18 7.09
CA TRP A 472 19.55 6.22 6.92
C TRP A 472 20.37 6.54 5.67
N LEU A 473 21.59 6.02 5.66
CA LEU A 473 22.64 6.39 4.70
C LEU A 473 22.86 7.91 4.70
N ASN A 474 23.43 8.36 5.81
CA ASN A 474 23.96 9.71 5.94
C ASN A 474 25.28 9.59 6.67
N MET A 475 25.75 10.69 7.26
CA MET A 475 26.97 10.69 8.06
C MET A 475 26.68 11.21 9.47
N LEU A 476 25.50 10.91 9.98
CA LEU A 476 25.09 11.41 11.28
C LEU A 476 25.93 10.78 12.38
N GLU A 477 26.26 11.59 13.39
CA GLU A 477 27.09 11.18 14.52
C GLU A 477 26.32 11.43 15.81
N GLY A 478 27.00 11.19 16.94
CA GLY A 478 26.36 11.37 18.23
C GLY A 478 25.44 10.22 18.58
N GLU A 479 24.54 10.48 19.51
CA GLU A 479 23.67 9.48 20.09
C GLU A 479 22.23 9.66 19.63
N ILE A 480 21.42 8.63 19.85
CA ILE A 480 20.01 8.66 19.52
C ILE A 480 19.31 9.51 20.59
N PRO A 481 18.66 10.61 20.23
CA PRO A 481 18.14 11.52 21.26
C PRO A 481 17.18 10.82 22.21
N GLN A 482 17.47 10.96 23.50
CA GLN A 482 16.51 10.54 24.52
C GLN A 482 15.17 11.22 24.33
N GLU A 483 15.17 12.40 23.73
CA GLU A 483 13.95 13.21 23.63
C GLU A 483 12.93 12.62 22.69
N LEU A 484 13.26 11.57 21.92
CA LEU A 484 12.24 10.88 21.15
C LEU A 484 11.19 10.25 22.06
N MET A 485 11.49 10.12 23.36
CA MET A 485 10.50 9.60 24.30
C MET A 485 9.21 10.40 24.27
N TYR A 486 9.29 11.68 23.85
CA TYR A 486 8.11 12.55 23.80
C TYR A 486 7.24 12.29 22.57
N VAL A 487 7.67 11.44 21.64
CA VAL A 487 6.93 11.18 20.40
C VAL A 487 6.17 9.88 20.61
N LYS A 488 4.97 9.98 21.18
CA LYS A 488 4.16 8.79 21.41
C LYS A 488 3.70 8.15 20.11
N THR A 489 3.64 8.89 19.02
CA THR A 489 3.12 8.40 17.76
C THR A 489 4.17 7.69 16.90
N LEU A 490 5.41 7.60 17.38
CA LEU A 490 6.49 7.11 16.52
C LEU A 490 6.28 5.64 16.18
N GLU A 491 6.31 5.33 14.89
CA GLU A 491 6.10 3.97 14.39
C GLU A 491 7.34 3.37 13.73
N THR A 492 8.07 4.15 12.94
CA THR A 492 9.28 3.67 12.28
C THR A 492 10.45 4.58 12.63
N LEU A 493 11.57 3.97 13.01
CA LEU A 493 12.80 4.68 13.33
C LEU A 493 13.90 3.99 12.52
N ILE A 494 14.23 4.57 11.36
CA ILE A 494 15.17 3.99 10.41
C ILE A 494 16.41 4.87 10.36
N LEU A 495 17.52 4.36 10.91
CA LEU A 495 18.74 5.15 11.08
C LEU A 495 19.97 4.37 10.62
N ASP A 496 19.79 3.43 9.71
CA ASP A 496 20.88 2.56 9.30
C ASP A 496 21.97 3.37 8.57
N PHE A 497 23.16 2.80 8.56
CA PHE A 497 24.28 3.32 7.78
C PHE A 497 24.55 4.79 8.12
N ASN A 498 24.88 5.01 9.38
CA ASN A 498 25.34 6.32 9.85
C ASN A 498 26.56 6.06 10.75
N ASP A 499 26.91 7.05 11.56
CA ASP A 499 28.04 6.96 12.48
C ASP A 499 27.59 7.13 13.92
N LEU A 500 26.39 6.66 14.24
CA LEU A 500 25.84 6.87 15.58
C LEU A 500 26.57 6.01 16.61
N THR A 501 26.65 6.53 17.83
CA THR A 501 27.35 5.89 18.93
C THR A 501 26.48 5.91 20.17
N GLY A 502 27.00 5.36 21.26
CA GLY A 502 26.25 5.27 22.49
C GLY A 502 25.31 4.07 22.49
N GLU A 503 24.41 4.09 23.47
CA GLU A 503 23.47 3.00 23.71
C GLU A 503 22.09 3.35 23.16
N ILE A 504 21.21 2.35 23.19
CA ILE A 504 19.81 2.54 22.82
C ILE A 504 19.14 3.33 23.95
N PRO A 505 18.63 4.54 23.69
CA PRO A 505 18.07 5.34 24.78
C PRO A 505 16.84 4.68 25.38
N SER A 506 16.82 4.58 26.71
CA SER A 506 15.66 4.03 27.40
C SER A 506 14.40 4.84 27.14
N GLY A 507 14.54 6.08 26.63
CA GLY A 507 13.38 6.87 26.27
C GLY A 507 12.50 6.26 25.20
N LEU A 508 13.06 5.35 24.39
CA LEU A 508 12.25 4.73 23.35
C LEU A 508 11.19 3.78 23.89
N SER A 509 11.33 3.35 25.15
CA SER A 509 10.28 2.54 25.77
C SER A 509 8.94 3.25 25.72
N ASN A 510 8.95 4.58 25.70
CA ASN A 510 7.72 5.36 25.64
C ASN A 510 7.06 5.27 24.27
N CYS A 511 7.85 5.03 23.24
CA CYS A 511 7.35 4.95 21.87
C CYS A 511 6.72 3.56 21.67
N THR A 512 5.53 3.40 22.23
CA THR A 512 4.87 2.10 22.30
C THR A 512 4.27 1.69 20.96
N ASN A 513 4.11 2.61 20.02
CA ASN A 513 3.60 2.30 18.68
C ASN A 513 4.71 1.94 17.70
N LEU A 514 5.95 1.80 18.18
CA LEU A 514 7.05 1.46 17.30
C LEU A 514 6.84 0.07 16.71
N ASN A 515 6.84 -0.02 15.38
CA ASN A 515 6.75 -1.31 14.71
C ASN A 515 7.95 -1.64 13.84
N TRP A 516 8.79 -0.66 13.50
CA TRP A 516 9.97 -0.90 12.68
C TRP A 516 11.13 -0.10 13.25
N ILE A 517 12.12 -0.81 13.80
CA ILE A 517 13.33 -0.21 14.35
C ILE A 517 14.52 -0.79 13.61
N SER A 518 15.30 0.06 12.95
CA SER A 518 16.44 -0.38 12.14
C SER A 518 17.64 0.52 12.45
N LEU A 519 18.66 -0.05 13.07
CA LEU A 519 19.82 0.70 13.53
C LEU A 519 21.12 0.07 13.05
N SER A 520 21.08 -0.66 11.94
CA SER A 520 22.25 -1.41 11.51
C SER A 520 23.32 -0.48 10.95
N ASN A 521 24.56 -0.99 10.96
CA ASN A 521 25.70 -0.28 10.41
C ASN A 521 25.86 1.10 11.06
N ASN A 522 26.02 1.07 12.38
CA ASN A 522 26.45 2.23 13.15
C ASN A 522 27.56 1.73 14.08
N ARG A 523 27.85 2.48 15.13
CA ARG A 523 28.83 2.10 16.13
C ARG A 523 28.20 2.09 17.52
N LEU A 524 26.96 1.62 17.59
CA LEU A 524 26.22 1.58 18.85
C LEU A 524 26.77 0.50 19.78
N THR A 525 26.53 0.68 21.07
CA THR A 525 27.04 -0.22 22.09
C THR A 525 25.93 -0.45 23.12
N GLY A 526 26.27 -1.14 24.20
CA GLY A 526 25.31 -1.43 25.25
C GLY A 526 24.63 -2.77 25.05
N GLU A 527 23.43 -2.92 25.60
CA GLU A 527 22.67 -4.17 25.52
C GLU A 527 21.31 -3.87 24.91
N ILE A 528 20.60 -4.93 24.54
CA ILE A 528 19.19 -4.81 24.16
C ILE A 528 18.40 -4.64 25.45
N PRO A 529 17.81 -3.48 25.71
CA PRO A 529 17.13 -3.29 27.01
C PRO A 529 15.98 -4.26 27.19
N LYS A 530 15.79 -4.71 28.43
CA LYS A 530 14.69 -5.62 28.73
C LYS A 530 13.34 -4.98 28.47
N TRP A 531 13.25 -3.65 28.42
CA TRP A 531 11.98 -3.00 28.13
C TRP A 531 11.54 -3.18 26.68
N ILE A 532 12.32 -3.89 25.86
CA ILE A 532 11.88 -4.17 24.49
C ILE A 532 10.55 -4.90 24.48
N GLY A 533 10.30 -5.71 25.51
CA GLY A 533 9.07 -6.48 25.58
C GLY A 533 7.81 -5.64 25.65
N ARG A 534 7.93 -4.38 26.09
CA ARG A 534 6.75 -3.52 26.17
C ARG A 534 6.28 -3.04 24.80
N LEU A 535 7.11 -3.16 23.77
CA LEU A 535 6.74 -2.73 22.42
C LEU A 535 5.89 -3.83 21.79
N GLU A 536 4.58 -3.74 22.01
CA GLU A 536 3.65 -4.76 21.51
C GLU A 536 3.62 -4.79 19.99
N ASN A 537 3.89 -3.66 19.34
CA ASN A 537 3.70 -3.49 17.91
C ASN A 537 5.00 -3.62 17.11
N LEU A 538 6.11 -3.96 17.77
CA LEU A 538 7.39 -4.08 17.09
C LEU A 538 7.43 -5.35 16.25
N ALA A 539 7.63 -5.18 14.94
CA ALA A 539 7.73 -6.29 14.00
C ALA A 539 9.14 -6.53 13.49
N ILE A 540 9.88 -5.48 13.17
CA ILE A 540 11.23 -5.59 12.63
C ILE A 540 12.20 -4.93 13.60
N LEU A 541 13.24 -5.67 13.98
CA LEU A 541 14.30 -5.17 14.86
C LEU A 541 15.62 -5.57 14.23
N LYS A 542 16.28 -4.61 13.58
CA LYS A 542 17.52 -4.85 12.86
C LYS A 542 18.63 -4.01 13.49
N LEU A 543 19.63 -4.69 14.06
CA LEU A 543 20.69 -4.03 14.84
C LEU A 543 22.08 -4.51 14.40
N SER A 544 22.21 -4.97 13.16
CA SER A 544 23.40 -5.70 12.73
C SER A 544 24.59 -4.77 12.53
N ASN A 545 25.77 -5.36 12.57
CA ASN A 545 27.03 -4.64 12.34
C ASN A 545 27.15 -3.43 13.26
N ASN A 546 27.01 -3.68 14.55
CA ASN A 546 27.25 -2.69 15.60
C ASN A 546 28.20 -3.34 16.60
N SER A 547 28.21 -2.85 17.85
CA SER A 547 28.95 -3.46 18.93
C SER A 547 28.07 -3.69 20.15
N PHE A 548 26.78 -3.95 19.91
CA PHE A 548 25.89 -4.38 20.98
C PHE A 548 26.43 -5.64 21.65
N SER A 549 26.16 -5.78 22.95
CA SER A 549 26.77 -6.83 23.75
C SER A 549 25.75 -7.32 24.77
N GLY A 550 26.21 -8.19 25.67
CA GLY A 550 25.35 -8.79 26.66
C GLY A 550 24.55 -9.94 26.07
N ASN A 551 23.63 -10.45 26.89
CA ASN A 551 22.81 -11.59 26.53
C ASN A 551 21.59 -11.14 25.73
N ILE A 552 20.97 -12.09 25.06
CA ILE A 552 19.73 -11.85 24.33
C ILE A 552 18.60 -11.76 25.36
N PRO A 553 17.93 -10.62 25.51
CA PRO A 553 16.87 -10.53 26.52
C PRO A 553 15.74 -11.49 26.23
N ALA A 554 15.46 -12.37 27.19
CA ALA A 554 14.28 -13.23 27.09
C ALA A 554 13.01 -12.42 26.90
N GLU A 555 13.02 -11.15 27.29
CA GLU A 555 11.86 -10.30 27.11
C GLU A 555 11.51 -10.11 25.63
N LEU A 556 12.44 -10.39 24.72
CA LEU A 556 12.08 -10.43 23.31
C LEU A 556 10.90 -11.37 23.06
N GLY A 557 10.76 -12.40 23.89
CA GLY A 557 9.63 -13.30 23.81
C GLY A 557 8.30 -12.64 24.13
N ASP A 558 8.31 -11.45 24.72
CA ASP A 558 7.07 -10.74 25.03
C ASP A 558 6.58 -9.89 23.87
N CYS A 559 7.40 -9.68 22.84
CA CYS A 559 6.99 -8.90 21.67
C CYS A 559 5.97 -9.70 20.87
N ARG A 560 4.70 -9.29 20.93
CA ARG A 560 3.62 -10.02 20.26
C ARG A 560 3.60 -9.81 18.75
N SER A 561 4.47 -8.95 18.21
CA SER A 561 4.46 -8.61 16.80
C SER A 561 5.76 -8.93 16.10
N LEU A 562 6.78 -9.39 16.81
CA LEU A 562 8.10 -9.54 16.21
C LEU A 562 8.09 -10.64 15.15
N ILE A 563 8.53 -10.29 13.94
CA ILE A 563 8.62 -11.24 12.84
C ILE A 563 9.98 -11.23 12.16
N TRP A 564 10.83 -10.21 12.38
CA TRP A 564 12.09 -10.08 11.67
C TRP A 564 13.11 -9.56 12.67
N LEU A 565 14.02 -10.44 13.10
CA LEU A 565 15.03 -10.11 14.11
C LEU A 565 16.40 -10.38 13.51
N ASP A 566 17.16 -9.31 13.23
CA ASP A 566 18.49 -9.42 12.63
C ASP A 566 19.51 -8.81 13.59
N LEU A 567 20.33 -9.65 14.20
CA LEU A 567 21.33 -9.22 15.16
C LEU A 567 22.74 -9.56 14.71
N ASN A 568 22.92 -9.83 13.41
CA ASN A 568 24.17 -10.39 12.94
C ASN A 568 25.32 -9.38 13.07
N THR A 569 26.50 -9.89 13.40
CA THR A 569 27.71 -9.09 13.50
C THR A 569 27.64 -8.09 14.65
N ASN A 570 27.65 -8.62 15.87
CA ASN A 570 27.76 -7.82 17.09
C ASN A 570 28.63 -8.58 18.08
N LEU A 571 28.47 -8.31 19.37
CA LEU A 571 29.24 -8.97 20.41
C LEU A 571 28.33 -9.65 21.43
N PHE A 572 27.13 -10.04 21.01
CA PHE A 572 26.21 -10.72 21.92
C PHE A 572 26.83 -12.01 22.42
N ASN A 573 26.55 -12.35 23.68
CA ASN A 573 27.06 -13.57 24.29
C ASN A 573 25.95 -14.23 25.09
N GLY A 574 26.31 -15.30 25.79
CA GLY A 574 25.32 -16.07 26.52
C GLY A 574 24.65 -17.10 25.64
N THR A 575 23.62 -17.73 26.21
CA THR A 575 22.83 -18.74 25.53
C THR A 575 21.55 -18.11 24.97
N ILE A 576 21.01 -18.76 23.95
CA ILE A 576 19.75 -18.31 23.34
C ILE A 576 18.63 -18.62 24.33
N PRO A 577 17.93 -17.61 24.85
CA PRO A 577 16.84 -17.91 25.80
C PRO A 577 15.69 -18.64 25.11
N ALA A 578 15.22 -19.71 25.74
CA ALA A 578 14.10 -20.47 25.19
C ALA A 578 12.83 -19.64 25.12
N ALA A 579 12.73 -18.57 25.90
CA ALA A 579 11.49 -17.78 25.99
C ALA A 579 11.29 -16.85 24.80
N MET A 580 12.32 -16.59 23.99
CA MET A 580 12.13 -15.74 22.80
C MET A 580 10.91 -16.18 22.01
N PHE A 581 10.70 -17.48 21.90
CA PHE A 581 9.71 -18.06 21.02
C PHE A 581 8.38 -18.29 21.73
N LYS A 582 8.24 -17.76 22.95
CA LYS A 582 6.99 -17.77 23.69
C LYS A 582 5.81 -17.39 22.80
N GLN A 583 5.86 -16.21 22.19
CA GLN A 583 4.74 -15.73 21.37
C GLN A 583 4.53 -16.52 20.10
N SER A 584 5.39 -17.50 19.81
CA SER A 584 5.23 -18.29 18.59
C SER A 584 3.84 -18.90 18.51
N GLY A 585 3.26 -18.88 17.31
CA GLY A 585 1.90 -19.33 17.10
C GLY A 585 0.89 -18.26 17.44
N LYS A 586 1.20 -17.45 18.46
CA LYS A 586 0.33 -16.37 18.90
C LYS A 586 0.63 -15.05 18.19
N ILE A 587 1.68 -14.99 17.36
CA ILE A 587 2.04 -13.75 16.69
C ILE A 587 1.02 -13.42 15.62
N ALA A 588 0.84 -12.11 15.38
CA ALA A 588 -0.14 -11.64 14.41
C ALA A 588 0.15 -10.20 14.00
N ALA A 589 1.22 -10.00 13.26
CA ALA A 589 1.62 -8.66 12.82
C ALA A 589 0.95 -8.35 11.49
N ASN A 590 -0.09 -7.51 11.54
CA ASN A 590 -0.75 -7.01 10.36
C ASN A 590 -0.45 -5.55 10.10
N PHE A 591 0.22 -4.86 11.03
CA PHE A 591 0.39 -3.42 10.97
C PHE A 591 1.50 -3.02 10.00
N ILE A 592 2.55 -3.81 9.89
CA ILE A 592 3.69 -3.45 9.05
C ILE A 592 3.34 -3.51 7.57
N ALA A 593 2.26 -4.19 7.19
CA ALA A 593 1.99 -4.45 5.79
C ALA A 593 1.92 -3.17 4.97
N GLY A 594 2.47 -3.22 3.76
CA GLY A 594 2.30 -2.16 2.79
C GLY A 594 3.44 -1.16 2.67
N LYS A 595 4.62 -1.48 3.19
CA LYS A 595 5.74 -0.54 3.23
C LYS A 595 6.79 -0.93 2.20
N ARG A 596 7.22 0.06 1.42
CA ARG A 596 8.24 -0.17 0.39
C ARG A 596 9.56 -0.59 1.03
N TYR A 597 10.22 -1.59 0.45
CA TYR A 597 11.42 -2.14 1.04
C TYR A 597 12.34 -2.67 -0.06
N VAL A 598 13.56 -3.03 0.38
CA VAL A 598 14.55 -3.68 -0.46
C VAL A 598 15.25 -4.74 0.39
N TYR A 599 15.56 -5.88 -0.23
CA TYR A 599 16.29 -6.96 0.44
C TYR A 599 17.49 -7.32 -0.42
N ILE A 600 18.69 -7.14 0.11
CA ILE A 600 19.93 -7.38 -0.62
C ILE A 600 20.48 -8.71 -0.14
N LYS A 601 20.32 -9.74 -0.96
CA LYS A 601 20.74 -11.09 -0.59
C LYS A 601 22.26 -11.19 -0.57
N ASN A 602 22.79 -11.94 0.39
CA ASN A 602 24.21 -12.21 0.48
C ASN A 602 24.56 -13.42 -0.38
N ASP A 603 25.48 -13.22 -1.33
CA ASP A 603 25.90 -14.32 -2.19
C ASP A 603 26.62 -15.40 -1.41
N GLY A 604 27.32 -15.03 -0.33
CA GLY A 604 28.20 -15.95 0.36
C GLY A 604 29.56 -16.12 -0.28
N MET A 605 29.79 -15.50 -1.44
CA MET A 605 31.08 -15.63 -2.11
C MET A 605 32.16 -14.81 -1.40
N LYS A 606 31.77 -13.75 -0.70
CA LYS A 606 32.71 -12.89 0.01
C LYS A 606 32.60 -13.14 1.50
N LYS A 607 33.76 -13.25 2.17
CA LYS A 607 33.79 -13.55 3.59
C LYS A 607 33.62 -12.29 4.45
N GLU A 608 33.79 -11.11 3.86
CA GLU A 608 33.52 -9.87 4.58
C GLU A 608 32.03 -9.59 4.69
N CYS A 609 31.24 -10.11 3.75
CA CYS A 609 29.80 -9.90 3.76
C CYS A 609 29.14 -10.91 4.70
N HIS A 610 28.49 -10.41 5.74
CA HIS A 610 27.87 -11.24 6.77
C HIS A 610 26.35 -11.21 6.64
N GLY A 611 25.72 -12.26 7.14
CA GLY A 611 24.27 -12.30 7.25
C GLY A 611 23.60 -12.86 6.02
N ALA A 612 22.34 -13.29 6.22
CA ALA A 612 21.54 -13.79 5.10
C ALA A 612 21.31 -12.69 4.07
N GLY A 613 20.92 -11.52 4.54
CA GLY A 613 20.64 -10.40 3.64
C GLY A 613 20.15 -9.21 4.44
N ASN A 614 20.17 -8.06 3.79
CA ASN A 614 19.85 -6.79 4.44
C ASN A 614 18.46 -6.34 4.02
N LEU A 615 17.54 -6.30 4.97
CA LEU A 615 16.23 -5.68 4.76
C LEU A 615 16.34 -4.19 5.07
N LEU A 616 15.98 -3.35 4.10
CA LEU A 616 16.13 -1.92 4.24
C LEU A 616 14.88 -1.22 3.74
N GLU A 617 14.46 -0.18 4.48
CA GLU A 617 13.41 0.69 4.02
C GLU A 617 13.81 1.32 2.69
N PHE A 618 12.83 1.57 1.81
CA PHE A 618 13.17 2.04 0.48
C PHE A 618 12.06 2.85 -0.18
N GLN A 619 11.29 3.60 0.61
CA GLN A 619 10.30 4.51 0.03
C GLN A 619 11.01 5.67 -0.65
N GLY A 620 10.66 5.91 -1.92
CA GLY A 620 11.12 7.08 -2.63
C GLY A 620 12.58 7.10 -3.01
N ILE A 621 13.23 5.94 -3.10
CA ILE A 621 14.65 5.84 -3.42
C ILE A 621 14.81 5.01 -4.69
N ARG A 622 15.77 5.40 -5.52
CA ARG A 622 16.08 4.66 -6.75
C ARG A 622 17.05 3.54 -6.42
N SER A 623 16.74 2.33 -6.89
CA SER A 623 17.66 1.21 -6.70
C SER A 623 19.01 1.48 -7.35
N GLU A 624 19.06 2.41 -8.31
CA GLU A 624 20.33 2.71 -8.96
C GLU A 624 21.35 3.25 -7.95
N GLN A 625 20.88 4.06 -7.00
CA GLN A 625 21.77 4.67 -6.02
C GLN A 625 22.21 3.71 -4.92
N LEU A 626 21.77 2.45 -4.96
CA LEU A 626 22.25 1.48 -3.98
C LEU A 626 23.76 1.29 -4.06
N ASN A 627 24.38 1.71 -5.16
CA ASN A 627 25.83 1.66 -5.25
C ASN A 627 26.51 2.65 -4.31
N ARG A 628 25.76 3.61 -3.74
CA ARG A 628 26.31 4.43 -2.68
C ARG A 628 26.72 3.61 -1.47
N LEU A 629 26.21 2.38 -1.35
CA LEU A 629 26.53 1.53 -0.21
C LEU A 629 27.91 0.88 -0.30
N SER A 630 28.52 0.88 -1.48
CA SER A 630 29.80 0.18 -1.66
C SER A 630 30.87 0.70 -0.71
N THR A 631 30.74 1.93 -0.22
CA THR A 631 31.72 2.51 0.69
C THR A 631 31.44 2.18 2.16
N ARG A 632 30.29 1.60 2.46
CA ARG A 632 29.92 1.23 3.82
C ARG A 632 29.74 -0.26 4.03
N ASN A 633 29.34 -0.99 2.98
CA ASN A 633 29.04 -2.41 3.10
C ASN A 633 30.01 -3.19 2.23
N PRO A 634 30.58 -4.30 2.73
CA PRO A 634 31.48 -5.12 1.90
C PRO A 634 30.76 -5.96 0.87
N CYS A 635 29.43 -6.03 0.93
CA CYS A 635 28.66 -6.91 0.07
C CYS A 635 28.53 -6.33 -1.33
N ASN A 636 28.46 -7.23 -2.31
CA ASN A 636 28.19 -6.84 -3.69
C ASN A 636 26.68 -6.87 -3.93
N ILE A 637 26.15 -5.76 -4.45
CA ILE A 637 24.71 -5.60 -4.61
C ILE A 637 24.22 -5.97 -6.01
N THR A 638 25.12 -6.08 -6.99
CA THR A 638 24.73 -6.32 -8.38
C THR A 638 23.89 -7.57 -8.50
N SER A 639 22.68 -7.43 -9.03
CA SER A 639 21.80 -8.57 -9.33
C SER A 639 21.50 -9.40 -8.08
N ARG A 640 21.46 -8.75 -6.91
CA ARG A 640 21.10 -9.42 -5.67
C ARG A 640 19.98 -8.69 -4.92
N VAL A 641 19.35 -7.69 -5.54
CA VAL A 641 18.38 -6.83 -4.87
C VAL A 641 16.98 -7.33 -5.16
N TYR A 642 16.27 -7.76 -4.12
CA TYR A 642 14.85 -8.02 -4.18
C TYR A 642 14.09 -6.79 -3.69
N GLY A 643 12.81 -6.71 -4.06
CA GLY A 643 12.01 -5.54 -3.71
C GLY A 643 10.54 -5.88 -3.64
N GLY A 644 9.78 -4.88 -3.19
CA GLY A 644 8.35 -5.00 -3.08
C GLY A 644 7.84 -4.10 -1.96
N HIS A 645 6.55 -4.26 -1.66
CA HIS A 645 5.94 -3.66 -0.48
C HIS A 645 5.73 -4.75 0.56
N THR A 646 6.11 -4.46 1.80
CA THR A 646 6.17 -5.49 2.83
C THR A 646 4.83 -6.24 2.91
N SER A 647 4.91 -7.56 3.08
CA SER A 647 3.72 -8.42 3.03
C SER A 647 3.97 -9.66 3.88
N PRO A 648 3.50 -9.67 5.13
CA PRO A 648 3.64 -10.88 5.96
C PRO A 648 2.79 -12.02 5.41
N THR A 649 3.25 -13.24 5.69
CA THR A 649 2.60 -14.45 5.18
C THR A 649 1.47 -14.94 6.06
N PHE A 650 1.16 -14.23 7.14
CA PHE A 650 0.06 -14.60 8.04
C PHE A 650 -0.68 -13.33 8.43
N ASP A 651 -1.75 -13.52 9.22
CA ASP A 651 -2.55 -12.39 9.68
C ASP A 651 -2.83 -12.49 11.17
N ASN A 652 -2.96 -13.71 11.70
CA ASN A 652 -3.48 -13.90 13.05
C ASN A 652 -2.71 -14.89 13.91
N ASN A 653 -2.09 -15.93 13.35
CA ASN A 653 -1.49 -16.99 14.15
C ASN A 653 -0.06 -17.25 13.69
N GLY A 654 0.65 -16.19 13.32
CA GLY A 654 1.97 -16.33 12.75
C GLY A 654 3.03 -16.68 13.77
N SER A 655 4.27 -16.66 13.28
CA SER A 655 5.45 -16.84 14.10
C SER A 655 6.54 -15.90 13.55
N MET A 656 7.75 -16.03 14.09
CA MET A 656 8.86 -15.27 13.56
C MET A 656 9.18 -15.76 12.14
N MET A 657 9.38 -14.81 11.22
CA MET A 657 9.66 -15.14 9.84
C MET A 657 11.14 -15.10 9.50
N PHE A 658 11.92 -14.30 10.23
CA PHE A 658 13.35 -14.10 9.94
C PHE A 658 14.10 -14.01 11.25
N LEU A 659 15.15 -14.82 11.41
CA LEU A 659 15.96 -14.82 12.62
C LEU A 659 17.42 -14.98 12.21
N ASP A 660 18.21 -13.92 12.40
CA ASP A 660 19.63 -13.93 12.09
C ASP A 660 20.39 -13.39 13.30
N MET A 661 21.19 -14.25 13.92
CA MET A 661 22.05 -13.87 15.03
C MET A 661 23.47 -14.37 14.81
N SER A 662 23.86 -14.47 13.54
CA SER A 662 25.20 -14.95 13.19
C SER A 662 26.27 -13.93 13.56
N TYR A 663 27.51 -14.39 13.60
CA TYR A 663 28.67 -13.55 13.86
C TYR A 663 28.51 -12.81 15.19
N ASN A 664 28.21 -13.58 16.23
CA ASN A 664 28.30 -13.09 17.61
C ASN A 664 29.11 -14.10 18.41
N MET A 665 28.82 -14.25 19.70
CA MET A 665 29.57 -15.16 20.57
C MET A 665 28.62 -15.97 21.43
N LEU A 666 27.49 -16.37 20.85
CA LEU A 666 26.52 -17.16 21.60
C LEU A 666 27.13 -18.51 21.97
N SER A 667 26.62 -19.08 23.06
CA SER A 667 27.11 -20.36 23.57
C SER A 667 25.90 -21.16 24.04
N GLY A 668 26.17 -22.27 24.74
CA GLY A 668 25.09 -23.11 25.18
C GLY A 668 24.49 -23.90 24.03
N TYR A 669 23.25 -24.32 24.23
CA TYR A 669 22.55 -25.20 23.32
C TYR A 669 21.43 -24.43 22.62
N ILE A 670 21.00 -24.97 21.48
CA ILE A 670 19.87 -24.42 20.75
C ILE A 670 18.60 -24.89 21.43
N PRO A 671 17.83 -24.00 22.07
CA PRO A 671 16.59 -24.45 22.72
C PRO A 671 15.68 -25.16 21.73
N LYS A 672 15.06 -26.24 22.20
CA LYS A 672 14.16 -27.01 21.36
C LYS A 672 12.90 -26.25 21.00
N GLU A 673 12.64 -25.12 21.66
CA GLU A 673 11.55 -24.24 21.30
C GLU A 673 11.82 -23.46 20.02
N ILE A 674 12.99 -23.64 19.41
CA ILE A 674 13.27 -22.96 18.14
C ILE A 674 12.40 -23.50 17.03
N GLY A 675 12.04 -24.79 17.09
CA GLY A 675 11.19 -25.38 16.07
C GLY A 675 9.74 -25.00 16.15
N SER A 676 9.38 -24.12 17.08
CA SER A 676 7.99 -23.76 17.33
C SER A 676 7.44 -22.76 16.32
N MET A 677 8.20 -22.40 15.29
CA MET A 677 7.86 -21.28 14.39
C MET A 677 7.62 -21.82 12.99
N PRO A 678 6.37 -22.13 12.62
CA PRO A 678 6.12 -22.67 11.27
C PRO A 678 6.45 -21.69 10.15
N TYR A 679 6.37 -20.39 10.39
CA TYR A 679 6.52 -19.38 9.34
C TYR A 679 7.95 -18.89 9.16
N LEU A 680 8.92 -19.51 9.84
CA LEU A 680 10.30 -19.07 9.73
C LEU A 680 10.87 -19.45 8.37
N PHE A 681 11.25 -18.44 7.58
CA PHE A 681 11.91 -18.68 6.30
C PHE A 681 13.41 -18.82 6.43
N ILE A 682 14.03 -18.11 7.37
CA ILE A 682 15.48 -18.04 7.47
C ILE A 682 15.88 -18.20 8.92
N LEU A 683 16.85 -19.08 9.17
CA LEU A 683 17.45 -19.27 10.48
C LEU A 683 18.95 -19.28 10.28
N ASN A 684 19.62 -18.20 10.68
CA ASN A 684 21.06 -18.05 10.52
C ASN A 684 21.66 -17.88 11.91
N LEU A 685 22.31 -18.94 12.40
CA LEU A 685 23.00 -18.92 13.69
C LEU A 685 24.49 -19.22 13.52
N GLY A 686 25.03 -19.05 12.31
CA GLY A 686 26.40 -19.43 12.06
C GLY A 686 27.40 -18.48 12.71
N HIS A 687 28.62 -18.97 12.88
CA HIS A 687 29.73 -18.19 13.41
C HIS A 687 29.45 -17.74 14.85
N ASN A 688 29.21 -18.73 15.71
CA ASN A 688 29.03 -18.51 17.13
C ASN A 688 29.86 -19.56 17.85
N ASP A 689 29.46 -19.88 19.08
CA ASP A 689 30.03 -20.99 19.85
C ASP A 689 28.92 -21.87 20.39
N ILE A 690 27.92 -22.14 19.56
CA ILE A 690 26.78 -22.97 19.96
C ILE A 690 27.27 -24.39 20.18
N SER A 691 26.80 -25.01 21.27
CA SER A 691 27.19 -26.36 21.66
C SER A 691 25.99 -27.30 21.54
N GLY A 692 26.17 -28.53 22.00
CA GLY A 692 25.10 -29.49 22.01
C GLY A 692 24.81 -30.04 20.63
N SER A 693 23.58 -30.52 20.46
CA SER A 693 23.14 -31.16 19.23
C SER A 693 21.96 -30.40 18.66
N ILE A 694 21.71 -30.62 17.37
CA ILE A 694 20.61 -29.97 16.67
C ILE A 694 19.31 -30.61 17.14
N PRO A 695 18.45 -29.89 17.86
CA PRO A 695 17.19 -30.49 18.31
C PRO A 695 16.37 -30.99 17.13
N ASP A 696 15.75 -32.15 17.31
CA ASP A 696 14.90 -32.72 16.26
C ASP A 696 13.81 -31.76 15.83
N GLU A 697 13.44 -30.80 16.69
CA GLU A 697 12.34 -29.89 16.38
C GLU A 697 12.61 -29.02 15.17
N VAL A 698 13.88 -28.88 14.76
CA VAL A 698 14.19 -28.19 13.51
C VAL A 698 13.30 -28.69 12.39
N GLY A 699 13.07 -30.00 12.33
CA GLY A 699 12.27 -30.58 11.27
C GLY A 699 10.87 -30.01 11.16
N ASP A 700 10.39 -29.34 12.21
CA ASP A 700 9.09 -28.71 12.20
C ASP A 700 9.07 -27.35 11.53
N LEU A 701 10.23 -26.86 11.07
CA LEU A 701 10.32 -25.57 10.40
C LEU A 701 10.04 -25.77 8.92
N ARG A 702 8.75 -25.93 8.60
CA ARG A 702 8.35 -26.29 7.25
C ARG A 702 8.81 -25.25 6.24
N GLY A 703 8.57 -23.98 6.52
CA GLY A 703 8.85 -22.92 5.58
C GLY A 703 10.32 -22.54 5.45
N LEU A 704 11.20 -23.22 6.18
CA LEU A 704 12.61 -22.84 6.21
C LEU A 704 13.24 -22.96 4.83
N ASN A 705 13.53 -21.82 4.21
CA ASN A 705 14.24 -21.80 2.94
C ASN A 705 15.75 -21.77 3.12
N ILE A 706 16.23 -21.15 4.20
CA ILE A 706 17.65 -21.03 4.49
C ILE A 706 17.89 -21.47 5.92
N LEU A 707 18.95 -22.26 6.12
CA LEU A 707 19.34 -22.72 7.45
C LEU A 707 20.85 -22.90 7.44
N ASP A 708 21.56 -22.18 8.29
CA ASP A 708 22.96 -22.53 8.48
C ASP A 708 23.34 -22.36 9.94
N LEU A 709 24.04 -23.37 10.44
CA LEU A 709 24.58 -23.41 11.79
C LEU A 709 26.09 -23.59 11.73
N SER A 710 26.68 -23.14 10.62
CA SER A 710 28.08 -23.36 10.35
C SER A 710 28.96 -22.60 11.32
N SER A 711 30.23 -22.97 11.35
CA SER A 711 31.23 -22.36 12.23
C SER A 711 30.69 -22.22 13.66
N ASN A 712 30.54 -23.38 14.29
CA ASN A 712 29.97 -23.50 15.62
C ASN A 712 30.62 -24.71 16.30
N LYS A 713 30.03 -25.14 17.43
CA LYS A 713 30.52 -26.28 18.19
C LYS A 713 29.47 -27.39 18.27
N LEU A 714 28.63 -27.51 17.25
CA LEU A 714 27.51 -28.44 17.31
C LEU A 714 27.98 -29.89 17.30
N ASP A 715 27.22 -30.73 18.01
CA ASP A 715 27.60 -32.11 18.28
C ASP A 715 26.50 -33.06 17.83
N GLY A 716 26.86 -34.34 17.72
CA GLY A 716 25.89 -35.37 17.40
C GLY A 716 25.71 -35.58 15.92
N ARG A 717 24.55 -36.08 15.52
CA ARG A 717 24.22 -36.31 14.12
C ARG A 717 23.02 -35.48 13.72
N ILE A 718 22.90 -35.22 12.42
CA ILE A 718 21.82 -34.40 11.89
C ILE A 718 20.51 -35.13 12.16
N PRO A 719 19.59 -34.57 12.96
CA PRO A 719 18.29 -35.23 13.17
C PRO A 719 17.66 -35.71 11.86
N GLN A 720 17.26 -36.99 11.85
CA GLN A 720 16.58 -37.53 10.68
C GLN A 720 15.32 -36.74 10.34
N ALA A 721 14.73 -36.08 11.33
CA ALA A 721 13.51 -35.30 11.09
C ALA A 721 13.74 -34.11 10.16
N MET A 722 15.00 -33.75 9.89
CA MET A 722 15.27 -32.67 8.95
C MET A 722 14.77 -32.99 7.54
N SER A 723 14.56 -34.27 7.23
CA SER A 723 14.00 -34.65 5.93
C SER A 723 12.63 -34.05 5.72
N ALA A 724 11.91 -33.74 6.81
CA ALA A 724 10.65 -33.00 6.68
C ALA A 724 10.85 -31.68 5.96
N LEU A 725 12.05 -31.13 5.96
CA LEU A 725 12.33 -29.85 5.33
C LEU A 725 12.35 -30.04 3.81
N THR A 726 11.36 -29.46 3.13
CA THR A 726 11.21 -29.59 1.69
C THR A 726 11.36 -28.27 0.95
N MET A 727 11.67 -27.18 1.65
CA MET A 727 11.75 -25.86 1.04
C MET A 727 13.16 -25.28 1.10
N LEU A 728 14.14 -26.03 1.60
CA LEU A 728 15.51 -25.55 1.65
C LEU A 728 16.03 -25.24 0.25
N THR A 729 16.54 -24.02 0.06
CA THR A 729 17.38 -23.70 -1.07
C THR A 729 18.85 -23.60 -0.69
N GLU A 730 19.15 -23.57 0.60
CA GLU A 730 20.52 -23.39 1.06
C GLU A 730 20.66 -23.94 2.47
N ILE A 731 21.69 -24.74 2.69
CA ILE A 731 22.04 -25.25 4.00
C ILE A 731 23.55 -25.15 4.15
N ASP A 732 24.01 -24.86 5.38
CA ASP A 732 25.44 -24.89 5.69
C ASP A 732 25.58 -25.37 7.12
N LEU A 733 26.16 -26.56 7.28
CA LEU A 733 26.50 -27.11 8.58
C LEU A 733 28.00 -27.32 8.72
N SER A 734 28.79 -26.69 7.86
CA SER A 734 30.23 -26.89 7.85
C SER A 734 30.88 -26.28 9.09
N ASN A 735 32.15 -26.65 9.29
CA ASN A 735 32.95 -26.18 10.43
C ASN A 735 32.19 -26.37 11.74
N ASN A 736 31.94 -27.64 12.06
CA ASN A 736 31.33 -28.04 13.33
C ASN A 736 32.01 -29.33 13.77
N ASN A 737 31.39 -30.04 14.72
CA ASN A 737 31.85 -31.35 15.16
C ASN A 737 30.72 -32.36 15.06
N LEU A 738 29.88 -32.22 14.05
CA LEU A 738 28.79 -33.17 13.84
C LEU A 738 29.33 -34.49 13.29
N SER A 739 28.78 -35.60 13.76
CA SER A 739 29.16 -36.93 13.32
C SER A 739 27.92 -37.68 12.83
N GLY A 740 28.11 -38.91 12.39
CA GLY A 740 27.02 -39.76 11.98
C GLY A 740 26.73 -39.64 10.49
N PRO A 741 25.64 -40.25 10.05
CA PRO A 741 25.25 -40.17 8.65
C PRO A 741 24.36 -38.96 8.37
N ILE A 742 24.37 -38.54 7.11
CA ILE A 742 23.51 -37.44 6.67
C ILE A 742 22.13 -38.03 6.36
N PRO A 743 21.04 -37.39 6.78
CA PRO A 743 19.71 -37.90 6.43
C PRO A 743 19.61 -38.27 4.95
N GLU A 744 19.16 -39.51 4.69
CA GLU A 744 19.13 -40.02 3.33
C GLU A 744 17.99 -39.43 2.50
N MET A 745 16.85 -39.14 3.13
CA MET A 745 15.74 -38.51 2.44
C MET A 745 15.89 -37.00 2.54
N GLY A 746 14.86 -36.26 2.13
CA GLY A 746 14.90 -34.82 2.20
C GLY A 746 15.63 -34.19 1.02
N GLN A 747 16.07 -32.95 1.23
CA GLN A 747 16.81 -32.21 0.22
C GLN A 747 18.32 -32.30 0.42
N PHE A 748 18.78 -33.12 1.37
CA PHE A 748 20.19 -33.10 1.74
C PHE A 748 21.10 -33.45 0.56
N GLU A 749 20.63 -34.28 -0.36
CA GLU A 749 21.47 -34.71 -1.47
C GLU A 749 21.65 -33.63 -2.53
N THR A 750 20.77 -32.64 -2.57
CA THR A 750 20.85 -31.55 -3.53
C THR A 750 21.98 -30.58 -3.22
N PHE A 751 22.58 -30.66 -2.06
CA PHE A 751 23.52 -29.64 -1.64
C PHE A 751 24.96 -30.12 -1.82
N PRO A 752 25.89 -29.21 -2.12
CA PRO A 752 27.27 -29.62 -2.40
C PRO A 752 27.98 -30.03 -1.12
N PRO A 753 29.08 -30.78 -1.24
CA PRO A 753 29.78 -31.26 -0.04
C PRO A 753 30.32 -30.14 0.84
N ALA A 754 30.61 -28.97 0.28
CA ALA A 754 31.15 -27.88 1.08
C ALA A 754 30.19 -27.44 2.17
N LYS A 755 28.90 -27.72 2.02
CA LYS A 755 27.92 -27.39 3.05
C LYS A 755 27.97 -28.35 4.24
N PHE A 756 28.78 -29.41 4.16
CA PHE A 756 28.93 -30.38 5.23
C PHE A 756 30.39 -30.60 5.61
N LEU A 757 31.29 -29.74 5.14
CA LEU A 757 32.72 -29.97 5.28
C LEU A 757 33.20 -29.60 6.68
N ASN A 758 34.41 -30.07 7.01
CA ASN A 758 35.03 -29.82 8.31
C ASN A 758 34.19 -30.40 9.44
N ASN A 759 33.58 -31.55 9.20
CA ASN A 759 32.86 -32.32 10.22
C ASN A 759 33.38 -33.74 10.13
N PRO A 760 34.47 -34.06 10.85
CA PRO A 760 35.14 -35.36 10.65
C PRO A 760 34.21 -36.57 10.71
N GLY A 761 33.15 -36.52 11.51
CA GLY A 761 32.31 -37.69 11.71
C GLY A 761 31.20 -37.90 10.71
N LEU A 762 30.98 -36.95 9.80
CA LEU A 762 29.86 -37.04 8.89
C LEU A 762 30.24 -37.80 7.62
N CYS A 763 29.30 -38.61 7.15
CA CYS A 763 29.49 -39.38 5.92
C CYS A 763 28.12 -39.60 5.27
N GLY A 764 28.15 -39.93 3.99
CA GLY A 764 26.93 -40.11 3.22
C GLY A 764 26.79 -39.04 2.16
N TYR A 765 26.33 -39.42 0.97
CA TYR A 765 26.27 -38.47 -0.13
C TYR A 765 25.64 -37.17 0.34
N PRO A 766 26.15 -35.99 -0.06
CA PRO A 766 27.27 -35.74 -1.01
C PRO A 766 28.64 -36.17 -0.49
N LEU A 767 28.75 -36.62 0.74
CA LEU A 767 30.02 -37.09 1.29
C LEU A 767 30.22 -38.57 0.99
N PRO A 768 31.40 -39.10 1.24
CA PRO A 768 31.60 -40.55 1.14
C PRO A 768 30.55 -41.30 1.96
N ARG A 769 30.08 -42.41 1.41
CA ARG A 769 29.09 -43.21 2.12
C ARG A 769 29.65 -43.62 3.47
N CYS A 770 28.77 -43.76 4.46
CA CYS A 770 29.21 -44.06 5.82
C CYS A 770 29.78 -45.46 5.86
N ASP A 771 31.10 -45.54 6.05
CA ASP A 771 31.83 -46.80 6.06
C ASP A 771 31.15 -47.84 6.94
#